data_4WO4
#
_entry.id   4WO4
#
_cell.length_a   78.930
_cell.length_b   79.250
_cell.length_c   189.160
_cell.angle_alpha   90.00
_cell.angle_beta   90.00
_cell.angle_gamma   90.00
#
_symmetry.space_group_name_H-M   'P 21 21 21'
#
loop_
_entity.id
_entity.type
_entity.pdbx_description
1 polymer 'Antigen-presenting glycoprotein CD1d'
2 polymer Beta-2-microglobulin
3 polymer 'TCR variable DELTA 1 CHAIN and TCR constant Alpha'
4 polymer 'TCR variable BETA 2 (TRVB20) chain and TCR constant BETA'
5 branched beta-D-mannopyranose-(1-4)-2-acetamido-2-deoxy-beta-D-glucopyranose-(1-4)-[alpha-L-fucopyranose-(1-6)]2-acetamido-2-deoxy-beta-D-glucopyranose
6 branched 2-acetamido-2-deoxy-beta-D-glucopyranose-(1-4)-2-acetamido-2-deoxy-beta-D-glucopyranose
7 branched 2-acetamido-2-deoxy-beta-D-glucopyranose-(1-4)-[alpha-L-fucopyranose-(1-6)]2-acetamido-2-deoxy-beta-D-glucopyranose
8 non-polymer (15Z)-N-[(2S,3S,4R)-1-(alpha-D-galactopyranosyloxy)-3,4-dihydroxyoctadecan-2-yl]tetracos-15-enamide
9 water water
#
loop_
_entity_poly.entity_id
_entity_poly.type
_entity_poly.pdbx_seq_one_letter_code
_entity_poly.pdbx_strand_id
1 'polypeptide(L)'
;RLFPLRCLQISSFANSSWTRTDGLAWLGELQTHSWSNDSDTVRSLKPWSQGTFSDQQWETLQHIFRVYRSSFTRDVKEFA
KMLRLSYPLELQVSAGCEVHPGNASNNFFHVAFQGKDILSFQGTSWEPTQEAPLWVNLAIQVLNQDKWTRETVQWLLNGT
CPQFVSGLLESGKSELKKQVKPKAWLSRGPSPGPGRLLLVCHVSGFYPKPVWVKWMRGEQEQQGTQPGDILPNADETWYL
RATLDVVAGEAAGLSCRVKHSSLEGQDIVLYWPR
;
A
2 'polypeptide(L)'
;MIQRTPKIQVYSRHPAENGKSNFLNCYVSGFHPSDIEVDLLKNGERIEKVEHSDLSFSKDWSFYLLYYTEFTPTEKDEYA
CRVNHVTLSQPKIVKWDRDM
;
B
3 'polypeptide(L)'
;HMAQKVTQAQSSVSMPVRKAVTLNCLYETSWWSYYIFWYKQLPSKEMIFLIRQGSDEQNAKSGRYSVNFKKAAKSVALTI
SALQLEDSAKYFCALGVTGKLTFGQGTILTVHPNIQNPDPAVYQLRDSKSSDKSVCLFTDFDSQTNVSQSKDSDVYITDK
CVLDMRSMDFKSNSAVAWSNKSDFACANAFNNSIIPEDTFFPSPESS
;
C
4 'polypeptide(L)'
;HMGAVVSQHPSRVISKSGTSVKIECRSLDFQATTMFWYRQFPKQSLMLMATSNEGSKATYEQGVEKDKFLINHASLTLST
LTVTSAHPEDSSFYICSAPGGVGAFFGQGTRLTVVEDLKNVFPPEVAVFEPSEAEISHTQKATLVCLATGFYPDHVELSW
WVNGKEVHSGVCTDPQPLKEQPALNDSRYALSSRLRVSATFWQNPRNHFRCQVQFYGLSENDEWTQDRAKPVTQIVSAEA
WGRAD
;
D
#
loop_
_chem_comp.id
_chem_comp.type
_chem_comp.name
_chem_comp.formula
BMA D-saccharide, beta linking beta-D-mannopyranose 'C6 H12 O6'
FUC L-saccharide, alpha linking alpha-L-fucopyranose 'C6 H12 O5'
JLS non-polymer (15Z)-N-[(2S,3S,4R)-1-(alpha-D-galactopyranosyloxy)-3,4-dihydroxyoctadecan-2-yl]tetracos-15-enamide 'C48 H93 N O9'
NAG D-saccharide, beta linking 2-acetamido-2-deoxy-beta-D-glucopyranose 'C8 H15 N O6'
#
# COMPACT_ATOMS: atom_id res chain seq x y z
N LEU A 2 -1.32 34.09 -2.58
CA LEU A 2 -1.77 32.76 -2.16
C LEU A 2 -1.61 31.73 -3.30
N PHE A 3 -1.02 30.54 -2.97
CA PHE A 3 -0.83 29.48 -3.97
C PHE A 3 -1.49 28.14 -3.52
N PRO A 4 -2.84 28.04 -3.54
CA PRO A 4 -3.45 26.76 -3.16
C PRO A 4 -3.28 25.73 -4.26
N LEU A 5 -3.11 24.47 -3.85
CA LEU A 5 -3.08 23.39 -4.79
C LEU A 5 -4.50 22.86 -4.97
N ARG A 6 -4.97 22.80 -6.23
CA ARG A 6 -6.28 22.28 -6.61
C ARG A 6 -6.09 21.12 -7.57
N CYS A 7 -6.51 19.93 -7.17
CA CYS A 7 -6.51 18.76 -8.03
C CYS A 7 -7.93 18.55 -8.48
N LEU A 8 -8.14 18.48 -9.78
CA LEU A 8 -9.46 18.46 -10.37
C LEU A 8 -9.71 17.20 -11.19
N GLN A 9 -10.87 16.59 -11.03
CA GLN A 9 -11.17 15.38 -11.78
C GLN A 9 -12.51 15.51 -12.44
N ILE A 10 -12.58 15.17 -13.71
CA ILE A 10 -13.83 15.24 -14.48
C ILE A 10 -14.08 13.84 -14.92
N SER A 11 -15.13 13.20 -14.39
CA SER A 11 -15.48 11.84 -14.81
C SER A 11 -16.84 11.84 -15.51
N SER A 12 -16.89 11.40 -16.76
CA SER A 12 -18.12 11.34 -17.54
C SER A 12 -18.49 9.93 -17.85
N PHE A 13 -19.76 9.59 -17.62
CA PHE A 13 -20.27 8.25 -17.89
C PHE A 13 -21.44 8.39 -18.82
N ALA A 14 -21.26 8.05 -20.11
CA ALA A 14 -22.33 8.09 -21.12
C ALA A 14 -23.35 7.01 -20.78
N ASN A 15 -22.85 5.84 -20.39
CA ASN A 15 -23.61 4.67 -19.98
C ASN A 15 -22.69 3.79 -19.12
N SER A 16 -23.15 2.60 -18.71
CA SER A 16 -22.33 1.71 -17.88
C SER A 16 -21.15 1.07 -18.65
N SER A 17 -21.02 1.31 -19.98
CA SER A 17 -19.92 0.74 -20.78
C SER A 17 -18.99 1.80 -21.43
N TRP A 18 -19.37 3.09 -21.37
CA TRP A 18 -18.58 4.18 -21.91
C TRP A 18 -18.36 5.21 -20.85
N THR A 19 -17.11 5.37 -20.47
CA THR A 19 -16.70 6.30 -19.44
C THR A 19 -15.38 6.97 -19.81
N ARG A 20 -15.11 8.09 -19.19
CA ARG A 20 -13.88 8.86 -19.41
C ARG A 20 -13.56 9.66 -18.11
N THR A 21 -12.31 9.56 -17.60
CA THR A 21 -11.81 10.30 -16.43
C THR A 21 -10.58 11.07 -16.85
N ASP A 22 -10.59 12.40 -16.63
CA ASP A 22 -9.47 13.30 -16.92
C ASP A 22 -9.24 14.22 -15.75
N GLY A 23 -7.99 14.33 -15.34
CA GLY A 23 -7.60 15.16 -14.22
C GLY A 23 -6.58 16.22 -14.53
N LEU A 24 -6.42 17.16 -13.61
CA LEU A 24 -5.45 18.25 -13.73
C LEU A 24 -5.15 18.84 -12.37
N ALA A 25 -4.03 19.54 -12.25
CA ALA A 25 -3.62 20.19 -11.01
C ALA A 25 -3.24 21.61 -11.28
N TRP A 26 -3.62 22.48 -10.37
CA TRP A 26 -3.36 23.90 -10.41
C TRP A 26 -2.65 24.31 -9.16
N LEU A 27 -1.51 24.98 -9.31
CA LEU A 27 -0.84 25.59 -8.18
C LEU A 27 -1.08 27.08 -8.42
N GLY A 28 -2.02 27.64 -7.66
CA GLY A 28 -2.47 29.02 -7.84
C GLY A 28 -3.22 29.12 -9.15
N GLU A 29 -2.73 29.98 -10.04
CA GLU A 29 -3.30 30.20 -11.37
C GLU A 29 -2.58 29.38 -12.43
N LEU A 30 -1.46 28.72 -12.06
CA LEU A 30 -0.67 27.89 -12.98
C LEU A 30 -1.11 26.46 -12.97
N GLN A 31 -1.26 25.88 -14.16
CA GLN A 31 -1.59 24.49 -14.36
C GLN A 31 -0.30 23.75 -14.39
N THR A 32 -0.06 22.88 -13.39
CA THR A 32 1.20 22.17 -13.23
C THR A 32 1.17 20.70 -13.75
N HIS A 33 -0.02 20.07 -13.79
CA HIS A 33 -0.18 18.67 -14.19
C HIS A 33 -1.45 18.43 -14.97
N SER A 34 -1.44 17.36 -15.74
CA SER A 34 -2.60 16.92 -16.50
C SER A 34 -2.51 15.39 -16.59
N TRP A 35 -3.67 14.73 -16.70
CA TRP A 35 -3.67 13.28 -16.75
C TRP A 35 -4.91 12.85 -17.52
N SER A 36 -4.68 12.50 -18.78
CA SER A 36 -5.76 12.09 -19.67
C SER A 36 -6.12 10.64 -19.42
N ASN A 37 -7.35 10.29 -19.80
CA ASN A 37 -7.92 8.95 -19.68
C ASN A 37 -7.07 7.89 -20.39
N ASP A 38 -6.46 8.27 -21.50
CA ASP A 38 -5.72 7.36 -22.36
C ASP A 38 -4.22 7.23 -21.97
N SER A 39 -3.84 7.70 -20.77
CA SER A 39 -2.48 7.65 -20.30
C SER A 39 -2.38 6.90 -18.97
N ASP A 40 -1.28 6.17 -18.76
CA ASP A 40 -1.01 5.41 -17.54
C ASP A 40 -0.13 6.20 -16.61
N THR A 41 0.30 7.39 -17.07
CA THR A 41 1.23 8.24 -16.35
C THR A 41 0.82 9.71 -16.38
N VAL A 42 1.23 10.46 -15.34
CA VAL A 42 0.99 11.89 -15.22
C VAL A 42 1.88 12.63 -16.21
N ARG A 43 1.31 13.64 -16.86
CA ARG A 43 2.04 14.55 -17.73
C ARG A 43 2.35 15.79 -16.89
N SER A 44 3.64 15.97 -16.58
CA SER A 44 4.14 17.13 -15.85
C SER A 44 4.30 18.30 -16.83
N LEU A 45 3.60 19.40 -16.57
CA LEU A 45 3.58 20.52 -17.50
C LEU A 45 4.67 21.53 -17.24
N LYS A 46 5.33 21.46 -16.09
CA LYS A 46 6.39 22.38 -15.71
C LYS A 46 7.69 21.61 -15.40
N PRO A 47 8.90 22.22 -15.50
CA PRO A 47 10.13 21.44 -15.21
C PRO A 47 10.30 21.13 -13.71
N TRP A 48 9.52 21.83 -12.87
CA TRP A 48 9.48 21.73 -11.40
C TRP A 48 8.23 21.02 -10.84
N SER A 49 7.41 20.45 -11.73
CA SER A 49 6.14 19.77 -11.42
C SER A 49 6.28 18.62 -10.41
N GLN A 50 7.47 17.99 -10.30
CA GLN A 50 7.67 16.90 -9.36
C GLN A 50 7.96 17.40 -7.92
N GLY A 51 8.26 18.68 -7.77
CA GLY A 51 8.59 19.29 -6.49
C GLY A 51 9.84 18.69 -5.89
N THR A 52 9.77 18.36 -4.59
CA THR A 52 10.88 17.75 -3.85
C THR A 52 10.72 16.23 -3.73
N PHE A 53 9.70 15.64 -4.39
CA PHE A 53 9.46 14.19 -4.33
C PHE A 53 10.53 13.45 -5.13
N SER A 54 11.02 12.33 -4.54
CA SER A 54 12.00 11.43 -5.17
C SER A 54 11.32 10.71 -6.29
N ASP A 55 12.08 10.08 -7.19
CA ASP A 55 11.48 9.32 -8.28
C ASP A 55 10.59 8.18 -7.75
N GLN A 56 10.94 7.62 -6.57
CA GLN A 56 10.21 6.55 -5.89
C GLN A 56 8.91 7.07 -5.29
N GLN A 57 8.96 8.20 -4.57
CA GLN A 57 7.74 8.78 -3.98
C GLN A 57 6.75 9.13 -5.09
N TRP A 58 7.27 9.64 -6.22
CA TRP A 58 6.47 10.06 -7.35
C TRP A 58 5.78 8.89 -8.04
N GLU A 59 6.45 7.74 -8.11
CA GLU A 59 5.83 6.56 -8.71
C GLU A 59 4.77 6.00 -7.78
N THR A 60 4.92 6.17 -6.46
CA THR A 60 3.93 5.76 -5.46
C THR A 60 2.61 6.53 -5.66
N LEU A 61 2.68 7.88 -5.72
CA LEU A 61 1.52 8.75 -5.93
C LEU A 61 0.81 8.41 -7.22
N GLN A 62 1.57 8.03 -8.26
CA GLN A 62 1.05 7.67 -9.58
C GLN A 62 0.35 6.36 -9.54
N HIS A 63 0.90 5.40 -8.80
CA HIS A 63 0.29 4.10 -8.57
C HIS A 63 -1.07 4.29 -7.89
N ILE A 64 -1.12 5.05 -6.75
CA ILE A 64 -2.33 5.40 -6.03
C ILE A 64 -3.41 5.97 -7.00
N PHE A 65 -3.08 6.92 -7.91
CA PHE A 65 -4.09 7.51 -8.80
C PHE A 65 -4.61 6.49 -9.79
N ARG A 66 -3.72 5.73 -10.39
CA ARG A 66 -4.05 4.67 -11.34
C ARG A 66 -5.06 3.71 -10.68
N VAL A 67 -4.82 3.29 -9.42
CA VAL A 67 -5.70 2.39 -8.65
C VAL A 67 -7.04 3.10 -8.39
N TYR A 68 -6.97 4.36 -7.93
CA TYR A 68 -8.11 5.20 -7.62
C TYR A 68 -9.04 5.39 -8.81
N ARG A 69 -8.47 5.73 -9.96
CA ARG A 69 -9.19 5.96 -11.19
C ARG A 69 -10.01 4.73 -11.61
N SER A 70 -9.42 3.53 -11.54
CA SER A 70 -10.12 2.29 -11.88
C SER A 70 -11.25 1.99 -10.91
N SER A 71 -10.94 2.13 -9.61
CA SER A 71 -11.80 1.92 -8.47
C SER A 71 -12.95 2.89 -8.45
N PHE A 72 -12.74 4.18 -8.74
CA PHE A 72 -13.77 5.22 -8.82
C PHE A 72 -14.80 4.85 -9.86
N THR A 73 -14.33 4.40 -11.04
CA THR A 73 -15.12 4.01 -12.17
C THR A 73 -16.02 2.83 -11.79
N ARG A 74 -15.43 1.71 -11.32
CA ARG A 74 -16.19 0.52 -10.93
C ARG A 74 -17.27 0.86 -9.90
N ASP A 75 -16.90 1.63 -8.86
CA ASP A 75 -17.74 2.08 -7.76
C ASP A 75 -18.95 2.90 -8.21
N VAL A 76 -18.75 3.93 -9.05
CA VAL A 76 -19.85 4.77 -9.57
C VAL A 76 -20.82 3.88 -10.37
N LYS A 77 -20.30 2.98 -11.21
CA LYS A 77 -21.11 2.08 -11.99
C LYS A 77 -21.98 1.24 -11.05
N GLU A 78 -21.40 0.64 -9.97
CA GLU A 78 -22.15 -0.15 -8.97
C GLU A 78 -23.18 0.69 -8.15
N PHE A 79 -22.85 1.94 -7.81
CA PHE A 79 -23.79 2.84 -7.12
C PHE A 79 -24.95 3.19 -8.07
N ALA A 80 -24.67 3.42 -9.35
CA ALA A 80 -25.70 3.76 -10.32
C ALA A 80 -26.69 2.60 -10.50
N LYS A 81 -26.15 1.37 -10.58
CA LYS A 81 -26.91 0.13 -10.72
C LYS A 81 -27.85 -0.08 -9.49
N MET A 82 -27.30 -0.06 -8.28
CA MET A 82 -28.03 -0.29 -7.04
C MET A 82 -28.92 0.85 -6.58
N LEU A 83 -28.54 2.10 -6.86
CA LEU A 83 -29.33 3.25 -6.40
C LEU A 83 -30.30 3.75 -7.48
N ARG A 84 -30.39 3.03 -8.62
CA ARG A 84 -31.24 3.31 -9.80
C ARG A 84 -31.06 4.77 -10.26
N LEU A 85 -29.81 5.11 -10.57
CA LEU A 85 -29.39 6.42 -11.06
C LEU A 85 -29.18 6.27 -12.54
N SER A 86 -29.83 7.13 -13.31
CA SER A 86 -29.79 7.04 -14.76
C SER A 86 -28.65 7.81 -15.36
N TYR A 87 -28.03 7.18 -16.35
CA TYR A 87 -26.98 7.75 -17.17
C TYR A 87 -27.57 8.79 -18.14
N PRO A 88 -26.80 9.76 -18.66
CA PRO A 88 -25.36 10.02 -18.40
C PRO A 88 -25.12 10.62 -16.99
N LEU A 89 -23.95 10.32 -16.42
CA LEU A 89 -23.53 10.82 -15.10
C LEU A 89 -22.26 11.59 -15.22
N GLU A 90 -22.20 12.69 -14.52
CA GLU A 90 -21.03 13.55 -14.45
C GLU A 90 -20.64 13.69 -13.03
N LEU A 91 -19.44 13.27 -12.73
CA LEU A 91 -18.89 13.43 -11.40
C LEU A 91 -17.67 14.30 -11.52
N GLN A 92 -17.55 15.19 -10.56
CA GLN A 92 -16.44 16.13 -10.45
C GLN A 92 -15.89 16.08 -9.07
N VAL A 93 -14.56 16.20 -8.95
CA VAL A 93 -13.84 16.19 -7.69
C VAL A 93 -12.89 17.38 -7.64
N SER A 94 -12.87 18.05 -6.50
CA SER A 94 -12.01 19.17 -6.19
C SER A 94 -11.34 18.90 -4.87
N ALA A 95 -10.05 18.58 -4.91
CA ALA A 95 -9.25 18.23 -3.74
C ALA A 95 -7.88 18.92 -3.71
N GLY A 96 -7.41 19.20 -2.50
CA GLY A 96 -6.10 19.84 -2.36
C GLY A 96 -5.89 20.45 -1.01
N CYS A 97 -4.92 21.36 -0.92
CA CYS A 97 -4.58 22.02 0.33
C CYS A 97 -3.92 23.38 0.10
N GLU A 98 -3.90 24.18 1.15
CA GLU A 98 -3.28 25.47 1.19
C GLU A 98 -2.31 25.50 2.36
N VAL A 99 -1.01 25.56 2.03
CA VAL A 99 0.08 25.65 3.00
C VAL A 99 0.18 27.10 3.51
N HIS A 100 0.06 27.29 4.84
CA HIS A 100 0.18 28.59 5.48
C HIS A 100 1.35 28.57 6.46
N PRO A 101 2.48 29.26 6.16
CA PRO A 101 3.61 29.28 7.11
C PRO A 101 3.23 29.98 8.42
N GLY A 102 2.32 30.96 8.33
CA GLY A 102 1.80 31.74 9.46
C GLY A 102 1.01 30.95 10.48
N ASN A 103 0.21 29.96 10.01
CA ASN A 103 -0.58 29.08 10.87
C ASN A 103 -0.26 27.60 10.54
N ALA A 104 -1.29 26.75 10.36
CA ALA A 104 -1.10 25.33 10.05
C ALA A 104 -1.18 25.06 8.54
N SER A 105 -2.30 24.45 8.07
CA SER A 105 -2.60 24.09 6.68
C SER A 105 -4.03 23.56 6.59
N ASN A 106 -4.80 23.98 5.58
CA ASN A 106 -6.16 23.47 5.42
C ASN A 106 -6.27 22.70 4.09
N ASN A 107 -7.10 21.66 4.09
CA ASN A 107 -7.29 20.79 2.95
C ASN A 107 -8.77 20.59 2.70
N PHE A 108 -9.12 20.04 1.57
CA PHE A 108 -10.50 19.84 1.12
C PHE A 108 -10.56 18.72 0.13
N PHE A 109 -11.72 18.06 0.06
CA PHE A 109 -12.03 17.03 -0.91
C PHE A 109 -13.53 17.14 -1.17
N HIS A 110 -13.91 17.81 -2.25
CA HIS A 110 -15.32 18.02 -2.61
C HIS A 110 -15.71 17.23 -3.83
N VAL A 111 -16.91 16.64 -3.78
CA VAL A 111 -17.43 15.84 -4.90
C VAL A 111 -18.72 16.47 -5.37
N ALA A 112 -18.91 16.50 -6.69
CA ALA A 112 -20.15 17.00 -7.27
C ALA A 112 -20.77 15.95 -8.18
N PHE A 113 -22.10 15.92 -8.24
CA PHE A 113 -22.80 15.01 -9.12
C PHE A 113 -23.77 15.87 -9.92
N GLN A 114 -23.63 15.85 -11.24
CA GLN A 114 -24.45 16.64 -12.17
C GLN A 114 -24.36 18.16 -11.88
N GLY A 115 -23.15 18.63 -11.53
CA GLY A 115 -22.86 20.04 -11.24
C GLY A 115 -23.27 20.58 -9.89
N LYS A 116 -23.71 19.72 -8.99
CA LYS A 116 -24.12 20.09 -7.63
C LYS A 116 -23.31 19.30 -6.60
N ASP A 117 -22.93 19.96 -5.50
CA ASP A 117 -22.22 19.37 -4.38
C ASP A 117 -23.06 18.28 -3.77
N ILE A 118 -22.44 17.13 -3.45
CA ILE A 118 -23.19 16.02 -2.86
C ILE A 118 -22.48 15.53 -1.59
N LEU A 119 -21.14 15.63 -1.52
CA LEU A 119 -20.44 15.18 -0.32
C LEU A 119 -19.04 15.73 -0.27
N SER A 120 -18.41 15.61 0.90
CA SER A 120 -17.04 16.05 1.11
C SER A 120 -16.38 15.19 2.18
N PHE A 121 -15.04 15.24 2.24
CA PHE A 121 -14.26 14.52 3.24
C PHE A 121 -13.93 15.48 4.36
N GLN A 122 -14.50 15.22 5.54
CA GLN A 122 -14.38 16.04 6.74
C GLN A 122 -13.68 15.29 7.89
N GLY A 123 -12.38 15.55 8.04
CA GLY A 123 -11.55 14.97 9.09
C GLY A 123 -11.04 13.60 8.73
N THR A 124 -11.79 12.58 9.12
CA THR A 124 -11.45 11.19 8.82
C THR A 124 -12.67 10.45 8.17
N SER A 125 -13.67 11.18 7.66
CA SER A 125 -14.86 10.53 7.06
C SER A 125 -15.63 11.41 6.11
N TRP A 126 -16.48 10.75 5.32
CA TRP A 126 -17.38 11.31 4.30
C TRP A 126 -18.65 11.88 4.92
N GLU A 127 -18.97 13.14 4.53
CA GLU A 127 -20.12 13.93 4.98
C GLU A 127 -20.98 14.36 3.81
N PRO A 128 -22.31 14.17 3.83
CA PRO A 128 -23.14 14.69 2.71
C PRO A 128 -23.37 16.19 2.81
N THR A 129 -23.65 16.84 1.66
CA THR A 129 -23.97 18.27 1.52
C THR A 129 -25.35 18.50 2.20
N GLN A 130 -25.59 19.72 2.74
CA GLN A 130 -26.82 20.14 3.45
C GLN A 130 -28.09 19.69 2.71
N GLU A 131 -28.28 20.11 1.46
CA GLU A 131 -29.46 19.67 0.73
C GLU A 131 -29.03 18.70 -0.38
N ALA A 132 -28.88 17.41 0.00
CA ALA A 132 -28.46 16.36 -0.91
C ALA A 132 -29.53 15.29 -1.00
N PRO A 133 -29.71 14.65 -2.19
CA PRO A 133 -30.73 13.58 -2.32
C PRO A 133 -30.53 12.44 -1.31
N LEU A 134 -31.62 11.72 -0.98
CA LEU A 134 -31.62 10.64 0.00
C LEU A 134 -30.65 9.51 -0.34
N TRP A 135 -30.42 9.22 -1.64
CA TRP A 135 -29.50 8.15 -2.04
C TRP A 135 -28.05 8.47 -1.60
N VAL A 136 -27.68 9.76 -1.45
CA VAL A 136 -26.34 10.20 -1.04
C VAL A 136 -26.00 9.66 0.36
N ASN A 137 -26.95 9.60 1.27
CA ASN A 137 -26.73 9.05 2.61
C ASN A 137 -26.55 7.55 2.53
N LEU A 138 -27.14 6.90 1.52
CA LEU A 138 -26.91 5.46 1.35
C LEU A 138 -25.48 5.23 0.87
N ALA A 139 -24.98 6.04 -0.09
CA ALA A 139 -23.61 5.96 -0.59
C ALA A 139 -22.57 6.32 0.49
N ILE A 140 -22.84 7.31 1.34
CA ILE A 140 -21.96 7.76 2.45
C ILE A 140 -21.71 6.59 3.45
N GLN A 141 -22.77 5.84 3.79
CA GLN A 141 -22.73 4.70 4.71
C GLN A 141 -21.73 3.66 4.21
N VAL A 142 -21.82 3.33 2.92
CA VAL A 142 -20.96 2.36 2.24
C VAL A 142 -19.52 2.90 2.20
N LEU A 143 -19.32 4.14 1.76
CA LEU A 143 -18.01 4.78 1.70
C LEU A 143 -17.31 4.79 3.06
N ASN A 144 -18.06 5.11 4.16
CA ASN A 144 -17.51 5.17 5.53
C ASN A 144 -17.18 3.80 6.10
N GLN A 145 -17.70 2.73 5.49
CA GLN A 145 -17.37 1.34 5.84
C GLN A 145 -15.96 0.99 5.35
N ASP A 146 -15.45 1.74 4.31
CA ASP A 146 -14.11 1.51 3.77
C ASP A 146 -13.10 2.38 4.55
N LYS A 147 -12.76 1.92 5.75
CA LYS A 147 -11.83 2.60 6.66
C LYS A 147 -10.44 2.81 6.03
N TRP A 148 -9.92 1.84 5.27
CA TRP A 148 -8.58 1.94 4.67
C TRP A 148 -8.50 3.09 3.67
N THR A 149 -9.57 3.29 2.85
CA THR A 149 -9.65 4.41 1.88
C THR A 149 -9.71 5.74 2.64
N ARG A 150 -10.43 5.78 3.77
CA ARG A 150 -10.59 6.96 4.60
C ARG A 150 -9.25 7.40 5.18
N GLU A 151 -8.46 6.46 5.66
CA GLU A 151 -7.14 6.68 6.21
C GLU A 151 -6.18 7.15 5.10
N THR A 152 -6.38 6.67 3.85
CA THR A 152 -5.55 7.03 2.70
C THR A 152 -5.88 8.45 2.24
N VAL A 153 -7.17 8.80 2.12
CA VAL A 153 -7.61 10.15 1.73
C VAL A 153 -7.04 11.14 2.76
N GLN A 154 -7.11 10.80 4.06
CA GLN A 154 -6.60 11.62 5.16
C GLN A 154 -5.03 11.79 5.09
N TRP A 155 -4.31 10.73 4.72
CA TRP A 155 -2.85 10.70 4.61
C TRP A 155 -2.41 11.60 3.45
N LEU A 156 -3.16 11.60 2.35
CA LEU A 156 -2.93 12.40 1.17
C LEU A 156 -3.21 13.88 1.45
N LEU A 157 -4.41 14.19 1.99
CA LEU A 157 -4.80 15.56 2.29
C LEU A 157 -3.99 16.17 3.44
N ASN A 158 -3.79 15.44 4.55
CA ASN A 158 -3.13 15.99 5.73
C ASN A 158 -1.59 15.77 5.82
N GLY A 159 -1.01 14.93 4.97
CA GLY A 159 0.43 14.65 5.03
C GLY A 159 1.16 14.80 3.72
N THR A 160 0.65 14.17 2.67
CA THR A 160 1.31 14.21 1.36
C THR A 160 1.06 15.57 0.64
N CYS A 161 -0.17 16.10 0.62
CA CYS A 161 -0.49 17.37 -0.04
C CYS A 161 0.39 18.50 0.53
N PRO A 162 0.49 18.73 1.87
CA PRO A 162 1.41 19.79 2.36
C PRO A 162 2.86 19.58 1.93
N GLN A 163 3.36 18.34 1.92
CA GLN A 163 4.73 17.97 1.47
C GLN A 163 4.92 18.23 -0.02
N PHE A 164 3.85 18.02 -0.81
CA PHE A 164 3.86 18.26 -2.25
C PHE A 164 3.89 19.75 -2.56
N VAL A 165 3.02 20.53 -1.90
CA VAL A 165 2.85 21.98 -2.06
C VAL A 165 4.12 22.72 -1.64
N SER A 166 4.71 22.35 -0.49
CA SER A 166 5.95 22.96 0.03
C SER A 166 7.10 22.82 -0.97
N GLY A 167 7.24 21.64 -1.55
CA GLY A 167 8.25 21.33 -2.55
C GLY A 167 8.06 22.05 -3.86
N LEU A 168 6.80 22.10 -4.37
CA LEU A 168 6.45 22.82 -5.60
C LEU A 168 6.76 24.30 -5.45
N LEU A 169 6.45 24.88 -4.26
CA LEU A 169 6.73 26.27 -3.93
C LEU A 169 8.24 26.55 -3.91
N GLU A 170 9.06 25.54 -3.57
CA GLU A 170 10.52 25.67 -3.55
C GLU A 170 11.08 25.53 -4.96
N SER A 171 10.86 24.39 -5.61
CA SER A 171 11.33 24.15 -6.98
C SER A 171 10.71 25.12 -8.01
N GLY A 172 9.58 25.74 -7.68
CA GLY A 172 8.88 26.65 -8.57
C GLY A 172 9.01 28.14 -8.31
N LYS A 173 9.81 28.54 -7.27
CA LYS A 173 10.09 29.91 -6.80
C LYS A 173 10.10 30.95 -7.91
N SER A 174 10.99 30.80 -8.92
CA SER A 174 11.17 31.74 -10.04
C SER A 174 9.92 31.89 -10.91
N GLU A 175 9.32 30.77 -11.40
CA GLU A 175 8.14 30.81 -12.28
C GLU A 175 6.90 31.41 -11.56
N LEU A 176 6.82 31.25 -10.22
CA LEU A 176 5.70 31.78 -9.45
C LEU A 176 5.87 33.30 -9.18
N LYS A 177 7.13 33.79 -9.08
CA LYS A 177 7.54 35.18 -8.84
C LYS A 177 7.80 35.98 -10.19
N LYS A 178 7.58 35.31 -11.35
CA LYS A 178 7.73 35.80 -12.72
C LYS A 178 6.75 36.98 -12.98
N GLN A 179 7.21 37.98 -13.79
CA GLN A 179 6.47 39.20 -14.12
C GLN A 179 6.46 39.42 -15.62
N VAL A 180 5.26 39.51 -16.20
CA VAL A 180 5.10 39.76 -17.63
C VAL A 180 4.30 41.07 -17.77
N LYS A 181 4.86 42.01 -18.54
CA LYS A 181 4.32 43.35 -18.74
C LYS A 181 3.21 43.34 -19.76
N PRO A 182 2.08 44.02 -19.45
CA PRO A 182 1.01 44.13 -20.44
C PRO A 182 1.33 45.24 -21.46
N LYS A 183 0.66 45.16 -22.59
CA LYS A 183 0.67 46.12 -23.68
C LYS A 183 -0.79 46.57 -23.86
N ALA A 184 -1.06 47.89 -23.79
CA ALA A 184 -2.42 48.42 -23.88
C ALA A 184 -2.70 49.12 -25.21
N TRP A 185 -3.96 49.07 -25.67
CA TRP A 185 -4.41 49.72 -26.89
C TRP A 185 -5.88 50.10 -26.77
N LEU A 186 -6.26 51.16 -27.48
CA LEU A 186 -7.63 51.67 -27.50
C LEU A 186 -8.36 51.30 -28.75
N SER A 187 -9.68 51.27 -28.67
CA SER A 187 -10.56 51.03 -29.81
C SER A 187 -11.91 51.72 -29.56
N ARG A 188 -12.73 51.84 -30.61
CA ARG A 188 -14.07 52.43 -30.56
C ARG A 188 -15.05 51.29 -30.78
N GLY A 189 -15.86 51.01 -29.78
CA GLY A 189 -16.85 49.94 -29.88
C GLY A 189 -18.15 50.37 -30.53
N PRO A 190 -19.12 49.43 -30.68
CA PRO A 190 -20.43 49.80 -31.26
C PRO A 190 -21.12 50.89 -30.44
N SER A 191 -21.73 51.89 -31.12
CA SER A 191 -22.41 53.04 -30.52
C SER A 191 -23.52 52.59 -29.55
N PRO A 192 -23.47 53.03 -28.27
CA PRO A 192 -24.50 52.60 -27.31
C PRO A 192 -25.68 53.58 -27.18
N GLY A 193 -25.84 54.45 -28.17
CA GLY A 193 -26.91 55.45 -28.20
C GLY A 193 -26.94 56.30 -29.45
N PRO A 194 -27.39 57.59 -29.35
CA PRO A 194 -27.44 58.44 -30.55
C PRO A 194 -26.06 59.07 -30.84
N GLY A 195 -25.75 60.16 -30.12
CA GLY A 195 -24.46 60.85 -30.22
C GLY A 195 -23.54 60.41 -29.09
N ARG A 196 -23.54 59.09 -28.84
CA ARG A 196 -22.76 58.45 -27.78
C ARG A 196 -21.61 57.61 -28.36
N LEU A 197 -20.51 57.51 -27.59
CA LEU A 197 -19.31 56.73 -27.94
C LEU A 197 -19.01 55.64 -26.92
N LEU A 198 -18.63 54.45 -27.39
CA LEU A 198 -18.15 53.38 -26.50
C LEU A 198 -16.62 53.33 -26.59
N LEU A 199 -15.95 53.87 -25.54
CA LEU A 199 -14.50 53.95 -25.39
C LEU A 199 -13.99 52.65 -24.82
N VAL A 200 -13.26 51.88 -25.64
CA VAL A 200 -12.74 50.59 -25.24
C VAL A 200 -11.24 50.64 -25.00
N CYS A 201 -10.79 50.08 -23.87
CA CYS A 201 -9.39 49.97 -23.50
C CYS A 201 -9.02 48.49 -23.32
N HIS A 202 -8.11 47.96 -24.17
CA HIS A 202 -7.62 46.57 -24.09
C HIS A 202 -6.26 46.54 -23.42
N VAL A 203 -6.07 45.53 -22.58
CA VAL A 203 -4.83 45.26 -21.82
C VAL A 203 -4.59 43.74 -21.96
N SER A 204 -3.49 43.37 -22.62
CA SER A 204 -3.20 41.97 -22.88
C SER A 204 -1.78 41.66 -22.60
N GLY A 205 -1.56 40.44 -22.13
CA GLY A 205 -0.24 39.88 -21.88
C GLY A 205 0.34 40.10 -20.51
N PHE A 206 -0.49 40.38 -19.52
CA PHE A 206 0.04 40.55 -18.17
C PHE A 206 0.00 39.23 -17.32
N TYR A 207 0.97 39.13 -16.44
CA TYR A 207 1.16 38.05 -15.49
C TYR A 207 1.95 38.63 -14.30
N PRO A 208 1.51 38.39 -13.05
CA PRO A 208 0.35 37.56 -12.64
C PRO A 208 -1.01 38.22 -12.94
N LYS A 209 -2.11 37.49 -12.64
CA LYS A 209 -3.52 37.85 -12.85
C LYS A 209 -3.97 39.18 -12.20
N PRO A 210 -3.58 39.56 -10.95
CA PRO A 210 -4.12 40.84 -10.40
C PRO A 210 -3.71 42.08 -11.21
N VAL A 211 -4.72 42.86 -11.67
CA VAL A 211 -4.56 44.09 -12.47
C VAL A 211 -5.61 45.16 -12.08
N TRP A 212 -5.34 46.43 -12.45
CA TRP A 212 -6.20 47.60 -12.22
C TRP A 212 -6.22 48.43 -13.49
N VAL A 213 -7.39 48.50 -14.13
CA VAL A 213 -7.62 49.25 -15.36
C VAL A 213 -8.82 50.17 -15.13
N LYS A 214 -8.62 51.48 -15.30
CA LYS A 214 -9.67 52.48 -15.15
C LYS A 214 -9.57 53.61 -16.17
N TRP A 215 -10.73 54.11 -16.60
CA TRP A 215 -10.84 55.27 -17.45
C TRP A 215 -10.77 56.46 -16.54
N MET A 216 -9.91 57.42 -16.85
CA MET A 216 -9.62 58.63 -16.08
C MET A 216 -9.87 59.95 -16.86
N ARG A 217 -9.97 61.06 -16.12
CA ARG A 217 -10.05 62.46 -16.53
C ARG A 217 -9.17 63.17 -15.51
N GLY A 218 -7.88 63.22 -15.80
CA GLY A 218 -6.87 63.72 -14.87
C GLY A 218 -6.72 62.68 -13.79
N GLU A 219 -6.77 63.09 -12.51
CA GLU A 219 -6.68 62.14 -11.40
C GLU A 219 -8.10 61.70 -10.94
N GLN A 220 -9.14 62.08 -11.69
CA GLN A 220 -10.52 61.71 -11.37
C GLN A 220 -10.90 60.41 -12.06
N GLU A 221 -11.04 59.36 -11.23
CA GLU A 221 -11.44 58.01 -11.61
C GLU A 221 -12.85 58.04 -12.19
N GLN A 222 -13.09 57.44 -13.36
CA GLN A 222 -14.43 57.46 -13.92
C GLN A 222 -15.22 56.22 -13.44
N GLN A 223 -16.25 56.46 -12.61
CA GLN A 223 -17.16 55.45 -12.04
C GLN A 223 -17.99 54.72 -13.11
N GLY A 224 -18.02 55.28 -14.32
CA GLY A 224 -18.71 54.69 -15.47
C GLY A 224 -17.92 53.59 -16.14
N THR A 225 -16.64 53.37 -15.70
CA THR A 225 -15.75 52.32 -16.20
C THR A 225 -16.43 50.99 -16.01
N GLN A 226 -16.64 50.27 -17.10
CA GLN A 226 -17.28 48.98 -17.06
C GLN A 226 -16.24 47.90 -17.37
N PRO A 227 -15.64 47.28 -16.32
CA PRO A 227 -14.67 46.20 -16.57
C PRO A 227 -15.34 44.91 -17.08
N GLY A 228 -14.57 44.18 -17.88
CA GLY A 228 -14.99 42.89 -18.40
C GLY A 228 -14.39 41.77 -17.58
N ASP A 229 -14.53 40.54 -18.04
CA ASP A 229 -13.92 39.44 -17.33
C ASP A 229 -12.42 39.40 -17.63
N ILE A 230 -11.60 38.94 -16.67
CA ILE A 230 -10.18 38.73 -16.91
C ILE A 230 -10.11 37.41 -17.71
N LEU A 231 -9.76 37.48 -19.01
CA LEU A 231 -9.76 36.35 -19.92
C LEU A 231 -8.34 35.78 -20.16
N PRO A 232 -8.19 34.44 -20.34
CA PRO A 232 -6.85 33.89 -20.52
C PRO A 232 -6.30 33.94 -21.95
N ASN A 233 -4.96 33.85 -22.07
CA ASN A 233 -4.25 33.71 -23.34
C ASN A 233 -3.56 32.34 -23.32
N ALA A 234 -3.25 31.80 -24.52
CA ALA A 234 -2.57 30.52 -24.68
C ALA A 234 -1.15 30.48 -24.06
N ASP A 235 -0.44 31.62 -24.01
CA ASP A 235 0.92 31.73 -23.47
C ASP A 235 0.98 32.01 -21.93
N GLU A 236 -0.13 31.68 -21.22
CA GLU A 236 -0.34 31.79 -19.76
C GLU A 236 -0.43 33.24 -19.25
N THR A 237 -0.77 34.19 -20.14
CA THR A 237 -0.97 35.58 -19.72
C THR A 237 -2.46 35.88 -19.75
N TRP A 238 -2.84 37.10 -19.30
CA TRP A 238 -4.24 37.52 -19.25
C TRP A 238 -4.55 38.70 -20.15
N TYR A 239 -5.85 38.83 -20.42
CA TYR A 239 -6.51 39.84 -21.22
C TYR A 239 -7.63 40.48 -20.40
N LEU A 240 -7.84 41.79 -20.60
CA LEU A 240 -8.87 42.58 -19.95
C LEU A 240 -9.23 43.78 -20.83
N ARG A 241 -10.54 43.93 -21.08
CA ARG A 241 -11.21 44.97 -21.83
C ARG A 241 -12.03 45.83 -20.82
N ALA A 242 -11.73 47.14 -20.75
CA ALA A 242 -12.44 48.10 -19.88
C ALA A 242 -13.16 49.16 -20.75
N THR A 243 -14.50 49.29 -20.63
CA THR A 243 -15.24 50.23 -21.46
C THR A 243 -15.76 51.47 -20.70
N LEU A 244 -16.22 52.48 -21.47
CA LEU A 244 -16.79 53.74 -20.98
C LEU A 244 -17.74 54.32 -22.01
N ASP A 245 -19.05 54.38 -21.68
CA ASP A 245 -20.12 54.97 -22.48
C ASP A 245 -20.12 56.46 -22.18
N VAL A 246 -19.85 57.31 -23.20
CA VAL A 246 -19.74 58.77 -23.03
C VAL A 246 -20.45 59.56 -24.16
N VAL A 247 -20.49 60.87 -24.00
CA VAL A 247 -20.86 61.77 -25.09
C VAL A 247 -19.70 61.81 -26.07
N ALA A 248 -19.99 61.99 -27.35
CA ALA A 248 -18.93 62.00 -28.35
C ALA A 248 -17.96 63.16 -28.10
N GLY A 249 -18.50 64.33 -27.78
CA GLY A 249 -17.70 65.49 -27.46
C GLY A 249 -16.86 65.33 -26.21
N GLU A 250 -17.44 64.71 -25.20
CA GLU A 250 -16.80 64.58 -23.88
C GLU A 250 -15.62 63.52 -23.82
N ALA A 251 -15.33 62.80 -24.93
CA ALA A 251 -14.25 61.82 -25.00
C ALA A 251 -12.85 62.44 -24.89
N ALA A 252 -12.65 63.67 -25.42
CA ALA A 252 -11.36 64.38 -25.39
C ALA A 252 -10.94 64.70 -23.95
N GLY A 253 -9.71 64.34 -23.60
CA GLY A 253 -9.18 64.52 -22.24
C GLY A 253 -9.28 63.26 -21.37
N LEU A 254 -9.97 62.21 -21.87
CA LEU A 254 -10.09 60.94 -21.15
C LEU A 254 -8.91 60.03 -21.43
N SER A 255 -8.48 59.35 -20.39
CA SER A 255 -7.33 58.46 -20.38
C SER A 255 -7.63 57.09 -19.80
N CYS A 256 -7.03 56.03 -20.34
CA CYS A 256 -7.09 54.70 -19.77
C CYS A 256 -5.82 54.52 -18.97
N ARG A 257 -5.90 54.23 -17.65
CA ARG A 257 -4.70 54.05 -16.81
C ARG A 257 -4.63 52.61 -16.24
N VAL A 258 -3.47 51.96 -16.47
CA VAL A 258 -3.21 50.57 -16.08
C VAL A 258 -2.14 50.49 -14.99
N LYS A 259 -2.49 49.85 -13.86
CA LYS A 259 -1.57 49.55 -12.77
C LYS A 259 -1.35 48.02 -12.74
N HIS A 260 -0.08 47.60 -12.77
CA HIS A 260 0.29 46.19 -12.71
C HIS A 260 1.62 46.03 -12.00
N SER A 261 1.75 44.95 -11.20
CA SER A 261 2.95 44.62 -10.41
C SER A 261 4.23 44.57 -11.29
N SER A 262 4.08 44.19 -12.59
CA SER A 262 5.18 44.08 -13.58
C SER A 262 5.69 45.46 -14.02
N LEU A 263 4.88 46.50 -13.87
CA LEU A 263 5.31 47.84 -14.20
C LEU A 263 6.37 48.31 -13.22
N GLU A 264 7.42 48.94 -13.72
CA GLU A 264 8.47 49.46 -12.86
C GLU A 264 8.12 50.87 -12.38
N GLY A 265 7.12 50.96 -11.51
CA GLY A 265 6.69 52.25 -11.00
C GLY A 265 6.31 53.15 -12.16
N GLN A 266 5.67 52.58 -13.17
CA GLN A 266 5.34 53.30 -14.39
C GLN A 266 4.08 52.75 -15.01
N ASP A 267 2.93 53.23 -14.49
CA ASP A 267 1.58 52.91 -14.93
C ASP A 267 1.42 53.20 -16.41
N ILE A 268 0.60 52.40 -17.14
CA ILE A 268 0.39 52.68 -18.56
C ILE A 268 -0.73 53.72 -18.66
N VAL A 269 -0.43 54.84 -19.35
CA VAL A 269 -1.41 55.90 -19.56
C VAL A 269 -1.62 56.06 -21.07
N LEU A 270 -2.83 55.79 -21.52
CA LEU A 270 -3.23 55.93 -22.91
C LEU A 270 -4.31 56.96 -23.03
N TYR A 271 -4.06 58.05 -23.76
CA TYR A 271 -5.04 59.11 -23.98
C TYR A 271 -5.91 58.80 -25.14
N TRP A 272 -7.20 59.13 -25.02
CA TRP A 272 -8.11 59.00 -26.16
C TRP A 272 -7.65 59.98 -27.26
N PRO A 273 -7.43 59.52 -28.53
CA PRO A 273 -6.89 60.44 -29.57
C PRO A 273 -7.76 61.64 -29.89
N ARG A 274 -7.12 62.82 -29.95
CA ARG A 274 -7.75 64.12 -30.23
C ARG A 274 -7.83 64.39 -31.74
N ILE B 2 -28.11 18.67 -19.11
CA ILE B 2 -28.68 19.90 -19.65
C ILE B 2 -28.97 20.90 -18.49
N GLN B 3 -27.92 21.56 -17.92
CA GLN B 3 -28.05 22.51 -16.80
C GLN B 3 -27.62 23.97 -17.12
N ARG B 4 -26.36 24.22 -17.57
CA ARG B 4 -25.90 25.61 -17.82
C ARG B 4 -25.36 25.83 -19.24
N THR B 5 -25.75 26.98 -19.82
CA THR B 5 -25.43 27.34 -21.20
C THR B 5 -24.06 28.10 -21.26
N PRO B 6 -23.24 27.76 -22.29
CA PRO B 6 -21.92 28.39 -22.37
C PRO B 6 -21.94 29.86 -22.75
N LYS B 7 -21.12 30.64 -22.02
CA LYS B 7 -20.84 32.05 -22.31
C LYS B 7 -19.71 31.98 -23.38
N ILE B 8 -19.84 32.71 -24.52
CA ILE B 8 -18.83 32.63 -25.57
C ILE B 8 -18.19 34.01 -25.78
N GLN B 9 -16.86 34.08 -25.55
CA GLN B 9 -16.07 35.30 -25.69
C GLN B 9 -14.89 35.08 -26.70
N VAL B 10 -14.89 35.90 -27.80
CA VAL B 10 -13.93 35.88 -28.92
C VAL B 10 -13.10 37.15 -28.86
N TYR B 11 -11.76 37.01 -28.93
CA TYR B 11 -10.83 38.15 -28.81
C TYR B 11 -9.41 37.78 -29.32
N SER B 12 -8.50 38.79 -29.41
CA SER B 12 -7.12 38.67 -29.92
C SER B 12 -6.05 38.78 -28.83
N ARG B 13 -4.89 38.12 -29.05
CA ARG B 13 -3.74 38.16 -28.12
C ARG B 13 -3.03 39.52 -28.23
N HIS B 14 -3.09 40.11 -29.43
CA HIS B 14 -2.47 41.40 -29.77
C HIS B 14 -3.43 42.33 -30.51
N PRO B 15 -3.17 43.67 -30.58
CA PRO B 15 -4.06 44.55 -31.37
C PRO B 15 -4.09 44.15 -32.85
N ALA B 16 -5.30 44.02 -33.40
CA ALA B 16 -5.49 43.60 -34.80
C ALA B 16 -4.92 44.63 -35.79
N GLU B 17 -3.84 44.24 -36.47
CA GLU B 17 -3.10 45.03 -37.46
C GLU B 17 -2.99 44.18 -38.71
N ASN B 18 -3.82 44.50 -39.73
CA ASN B 18 -3.96 43.80 -41.02
C ASN B 18 -2.61 43.34 -41.60
N GLY B 19 -2.60 42.12 -42.11
CA GLY B 19 -1.41 41.48 -42.67
C GLY B 19 -0.56 40.76 -41.65
N LYS B 20 -0.34 41.37 -40.45
CA LYS B 20 0.47 40.80 -39.37
C LYS B 20 -0.24 39.62 -38.68
N SER B 21 0.46 38.47 -38.53
CA SER B 21 -0.02 37.25 -37.89
C SER B 21 -0.42 37.50 -36.43
N ASN B 22 -1.54 36.91 -36.00
CA ASN B 22 -2.05 37.09 -34.65
C ASN B 22 -2.62 35.75 -34.11
N PHE B 23 -3.27 35.83 -32.93
CA PHE B 23 -3.94 34.73 -32.26
C PHE B 23 -5.38 35.07 -31.98
N LEU B 24 -6.30 34.27 -32.52
CA LEU B 24 -7.72 34.40 -32.25
C LEU B 24 -8.09 33.43 -31.12
N ASN B 25 -8.60 33.98 -30.03
CA ASN B 25 -8.99 33.22 -28.85
C ASN B 25 -10.52 33.09 -28.76
N CYS B 26 -10.99 31.93 -28.29
CA CYS B 26 -12.39 31.70 -28.00
C CYS B 26 -12.49 31.05 -26.64
N TYR B 27 -13.01 31.85 -25.69
CA TYR B 27 -13.18 31.41 -24.32
C TYR B 27 -14.65 31.04 -24.05
N VAL B 28 -14.88 29.74 -23.94
CA VAL B 28 -16.18 29.12 -23.66
C VAL B 28 -16.18 28.78 -22.16
N SER B 29 -17.03 29.45 -21.36
CA SER B 29 -17.08 29.29 -19.91
C SER B 29 -18.55 29.16 -19.35
N GLY B 30 -18.64 28.75 -18.07
CA GLY B 30 -19.89 28.63 -17.32
C GLY B 30 -20.89 27.58 -17.78
N PHE B 31 -20.44 26.53 -18.48
CA PHE B 31 -21.36 25.51 -18.98
C PHE B 31 -21.33 24.19 -18.17
N HIS B 32 -22.40 23.41 -18.34
CA HIS B 32 -22.64 22.11 -17.71
C HIS B 32 -23.77 21.37 -18.48
N PRO B 33 -23.59 20.11 -18.93
CA PRO B 33 -22.42 19.21 -18.75
C PRO B 33 -21.21 19.54 -19.65
N SER B 34 -20.13 18.76 -19.53
CA SER B 34 -18.82 18.94 -20.17
C SER B 34 -18.79 18.70 -21.68
N ASP B 35 -19.74 17.93 -22.21
CA ASP B 35 -19.85 17.61 -23.63
C ASP B 35 -20.14 18.91 -24.39
N ILE B 36 -19.15 19.32 -25.20
CA ILE B 36 -19.20 20.56 -25.97
C ILE B 36 -18.42 20.38 -27.28
N GLU B 37 -18.89 21.02 -28.36
CA GLU B 37 -18.26 20.99 -29.68
C GLU B 37 -17.99 22.45 -30.10
N VAL B 38 -16.72 22.85 -30.08
CA VAL B 38 -16.30 24.21 -30.42
C VAL B 38 -15.46 24.19 -31.69
N ASP B 39 -15.69 25.19 -32.58
CA ASP B 39 -14.97 25.36 -33.85
C ASP B 39 -14.72 26.82 -34.14
N LEU B 40 -13.53 27.13 -34.66
CA LEU B 40 -13.22 28.50 -35.07
C LEU B 40 -13.39 28.57 -36.59
N LEU B 41 -14.03 29.63 -37.08
CA LEU B 41 -14.36 29.76 -38.50
C LEU B 41 -13.76 30.97 -39.20
N LYS B 42 -13.32 30.72 -40.45
CA LYS B 42 -12.84 31.74 -41.38
C LYS B 42 -13.85 31.77 -42.55
N ASN B 43 -14.72 32.79 -42.56
CA ASN B 43 -15.79 33.04 -43.54
C ASN B 43 -16.82 31.87 -43.59
N GLY B 44 -17.06 31.24 -42.43
CA GLY B 44 -18.02 30.14 -42.31
C GLY B 44 -17.43 28.73 -42.36
N GLU B 45 -16.26 28.57 -42.99
CA GLU B 45 -15.59 27.28 -43.06
C GLU B 45 -14.67 27.14 -41.84
N ARG B 46 -14.68 25.96 -41.17
CA ARG B 46 -13.90 25.76 -39.95
C ARG B 46 -12.39 25.56 -40.22
N ILE B 47 -11.57 26.13 -39.32
CA ILE B 47 -10.11 26.08 -39.31
C ILE B 47 -9.67 24.70 -38.77
N GLU B 48 -8.66 24.07 -39.40
CA GLU B 48 -8.15 22.73 -39.04
C GLU B 48 -7.04 22.80 -37.98
N LYS B 49 -6.21 23.86 -37.98
CA LYS B 49 -5.11 24.00 -37.01
C LYS B 49 -5.55 24.83 -35.80
N VAL B 50 -6.62 24.36 -35.11
CA VAL B 50 -7.17 24.97 -33.88
C VAL B 50 -6.68 24.18 -32.65
N GLU B 51 -6.16 24.89 -31.64
CA GLU B 51 -5.67 24.24 -30.42
C GLU B 51 -6.56 24.60 -29.22
N HIS B 52 -6.44 23.86 -28.12
CA HIS B 52 -7.26 24.15 -26.93
C HIS B 52 -6.60 23.71 -25.64
N SER B 53 -6.98 24.39 -24.54
CA SER B 53 -6.57 24.11 -23.17
C SER B 53 -7.30 22.87 -22.64
N ASP B 54 -6.78 22.27 -21.55
CA ASP B 54 -7.47 21.13 -20.94
C ASP B 54 -8.73 21.64 -20.27
N LEU B 55 -9.85 20.92 -20.47
CA LEU B 55 -11.14 21.20 -19.85
C LEU B 55 -10.94 21.29 -18.37
N SER B 56 -11.38 22.39 -17.78
CA SER B 56 -11.26 22.66 -16.34
C SER B 56 -12.62 23.10 -15.82
N PHE B 57 -12.71 23.52 -14.56
CA PHE B 57 -13.98 23.96 -13.98
C PHE B 57 -13.73 24.92 -12.84
N SER B 58 -14.73 25.78 -12.54
CA SER B 58 -14.71 26.80 -11.47
C SER B 58 -15.21 26.23 -10.13
N LYS B 59 -15.24 27.09 -9.07
CA LYS B 59 -15.73 26.76 -7.73
C LYS B 59 -17.21 26.32 -7.76
N ASP B 60 -18.03 26.88 -8.69
CA ASP B 60 -19.43 26.56 -8.87
C ASP B 60 -19.65 25.29 -9.72
N TRP B 61 -18.55 24.61 -10.11
CA TRP B 61 -18.51 23.34 -10.83
C TRP B 61 -18.74 23.48 -12.34
N SER B 62 -18.94 24.70 -12.84
CA SER B 62 -19.16 24.92 -14.28
C SER B 62 -17.81 24.88 -15.04
N PHE B 63 -17.85 24.39 -16.27
CA PHE B 63 -16.67 24.17 -17.09
C PHE B 63 -16.21 25.36 -17.92
N TYR B 64 -14.93 25.30 -18.34
CA TYR B 64 -14.33 26.33 -19.19
C TYR B 64 -13.15 25.77 -19.97
N LEU B 65 -13.05 26.22 -21.20
CA LEU B 65 -12.06 25.90 -22.22
C LEU B 65 -11.61 27.15 -22.95
N LEU B 66 -10.36 27.16 -23.39
CA LEU B 66 -9.84 28.19 -24.26
C LEU B 66 -9.46 27.52 -25.56
N TYR B 67 -10.03 28.01 -26.66
CA TYR B 67 -9.77 27.56 -28.01
C TYR B 67 -8.99 28.67 -28.74
N TYR B 68 -7.79 28.36 -29.26
CA TYR B 68 -6.98 29.37 -29.92
C TYR B 68 -6.41 28.92 -31.23
N THR B 69 -6.29 29.86 -32.16
CA THR B 69 -5.72 29.60 -33.49
C THR B 69 -4.90 30.78 -33.95
N GLU B 70 -3.86 30.46 -34.71
CA GLU B 70 -2.98 31.44 -35.36
C GLU B 70 -3.72 31.90 -36.58
N PHE B 71 -3.86 33.21 -36.73
CA PHE B 71 -4.58 33.77 -37.87
C PHE B 71 -3.96 35.10 -38.29
N THR B 72 -4.24 35.56 -39.51
CA THR B 72 -3.74 36.87 -39.93
C THR B 72 -4.98 37.71 -40.24
N PRO B 73 -5.31 38.73 -39.41
CA PRO B 73 -6.51 39.51 -39.69
C PRO B 73 -6.38 40.29 -41.01
N THR B 74 -7.39 40.16 -41.85
CA THR B 74 -7.50 40.85 -43.14
C THR B 74 -8.89 41.43 -43.25
N GLU B 75 -8.99 42.64 -43.77
CA GLU B 75 -10.29 43.27 -43.99
C GLU B 75 -11.08 42.50 -45.04
N LYS B 76 -12.39 42.44 -44.85
CA LYS B 76 -13.27 41.68 -45.74
C LYS B 76 -13.25 40.19 -45.39
N ASP B 77 -12.57 39.87 -44.29
CA ASP B 77 -12.50 38.50 -43.80
C ASP B 77 -13.17 38.41 -42.44
N GLU B 78 -14.08 37.45 -42.29
CA GLU B 78 -14.86 37.32 -41.05
C GLU B 78 -14.49 36.04 -40.29
N TYR B 79 -14.08 36.24 -39.02
CA TYR B 79 -13.67 35.15 -38.12
C TYR B 79 -14.72 34.95 -37.04
N ALA B 80 -15.10 33.69 -36.80
CA ALA B 80 -16.13 33.42 -35.78
C ALA B 80 -15.86 32.17 -34.95
N CYS B 81 -16.60 32.06 -33.84
CA CYS B 81 -16.60 30.92 -32.94
C CYS B 81 -17.98 30.26 -32.99
N ARG B 82 -18.01 28.95 -33.27
CA ARG B 82 -19.23 28.16 -33.38
C ARG B 82 -19.21 27.12 -32.26
N VAL B 83 -20.13 27.26 -31.32
CA VAL B 83 -20.23 26.39 -30.16
C VAL B 83 -21.55 25.58 -30.20
N ASN B 84 -21.41 24.26 -30.09
CA ASN B 84 -22.54 23.35 -30.00
C ASN B 84 -22.54 22.71 -28.58
N HIS B 85 -23.66 22.90 -27.87
CA HIS B 85 -23.92 22.37 -26.53
C HIS B 85 -25.36 21.80 -26.48
N VAL B 86 -25.61 20.85 -25.57
CA VAL B 86 -26.91 20.19 -25.37
C VAL B 86 -28.02 21.24 -24.97
N THR B 87 -27.65 22.33 -24.27
CA THR B 87 -28.56 23.42 -23.85
C THR B 87 -28.88 24.42 -24.99
N LEU B 88 -28.33 24.18 -26.19
CA LEU B 88 -28.51 25.06 -27.33
C LEU B 88 -29.48 24.47 -28.39
N SER B 89 -30.43 25.33 -28.83
CA SER B 89 -31.47 25.10 -29.84
C SER B 89 -30.84 24.78 -31.22
N GLN B 90 -29.75 25.49 -31.52
CA GLN B 90 -28.92 25.40 -32.73
C GLN B 90 -27.49 25.84 -32.36
N PRO B 91 -26.41 25.41 -33.10
CA PRO B 91 -25.06 25.92 -32.76
C PRO B 91 -25.03 27.44 -32.71
N LYS B 92 -24.52 28.01 -31.60
CA LYS B 92 -24.44 29.45 -31.42
C LYS B 92 -23.14 29.96 -32.02
N ILE B 93 -23.23 30.98 -32.91
CA ILE B 93 -22.07 31.56 -33.59
C ILE B 93 -21.82 32.98 -33.05
N VAL B 94 -20.61 33.20 -32.54
CA VAL B 94 -20.18 34.49 -32.05
C VAL B 94 -19.00 34.92 -32.92
N LYS B 95 -19.24 35.99 -33.70
CA LYS B 95 -18.27 36.58 -34.62
C LYS B 95 -17.27 37.44 -33.87
N TRP B 96 -16.04 37.51 -34.42
CA TRP B 96 -14.98 38.34 -33.86
C TRP B 96 -15.08 39.77 -34.38
N ASP B 97 -15.03 40.72 -33.44
CA ASP B 97 -15.03 42.16 -33.69
C ASP B 97 -13.74 42.72 -33.07
N ARG B 98 -12.81 43.20 -33.93
CA ARG B 98 -11.53 43.77 -33.50
C ARG B 98 -11.72 45.02 -32.64
N ASP B 99 -12.93 45.63 -32.67
CA ASP B 99 -13.34 46.78 -31.89
C ASP B 99 -14.29 46.34 -30.77
N GLN C 4 13.49 4.68 2.62
CA GLN C 4 12.69 3.75 3.44
C GLN C 4 13.53 2.57 3.95
N LYS C 5 13.92 2.62 5.20
CA LYS C 5 14.68 1.58 5.87
C LYS C 5 14.15 1.41 7.31
N VAL C 6 14.12 0.15 7.78
CA VAL C 6 13.73 -0.26 9.12
C VAL C 6 14.88 -1.10 9.68
N THR C 7 15.35 -0.73 10.87
CA THR C 7 16.46 -1.38 11.55
C THR C 7 16.01 -1.86 12.91
N GLN C 8 16.26 -3.14 13.19
CA GLN C 8 16.06 -3.84 14.46
C GLN C 8 17.44 -4.35 14.86
N ALA C 9 18.10 -3.67 15.80
CA ALA C 9 19.48 -3.98 16.18
C ALA C 9 19.59 -5.26 17.03
N GLN C 10 18.58 -5.54 17.89
CA GLN C 10 18.50 -6.72 18.74
C GLN C 10 18.20 -7.93 17.88
N SER C 11 19.04 -8.94 17.96
CA SER C 11 18.83 -10.16 17.20
C SER C 11 17.95 -11.12 18.05
N SER C 12 18.26 -11.21 19.34
CA SER C 12 17.59 -12.08 20.30
C SER C 12 17.43 -11.39 21.62
N VAL C 13 16.31 -11.65 22.25
CA VAL C 13 15.95 -11.19 23.57
C VAL C 13 15.34 -12.39 24.29
N SER C 14 15.73 -12.60 25.54
CA SER C 14 15.19 -13.60 26.46
C SER C 14 14.59 -12.86 27.63
N MET C 15 13.41 -13.28 28.11
N MET C 15 13.47 -13.36 28.15
CA MET C 15 12.75 -12.68 29.27
CA MET C 15 12.79 -12.73 29.27
C MET C 15 11.87 -13.72 29.99
C MET C 15 11.90 -13.74 29.99
N PRO C 16 11.76 -13.67 31.34
CA PRO C 16 10.89 -14.63 32.02
C PRO C 16 9.42 -14.26 31.86
N VAL C 17 8.58 -15.27 32.00
CA VAL C 17 7.12 -15.17 31.95
C VAL C 17 6.65 -14.09 32.99
N ARG C 18 5.48 -13.45 32.76
CA ARG C 18 4.84 -12.40 33.61
C ARG C 18 5.61 -11.05 33.66
N LYS C 19 6.86 -10.98 33.22
CA LYS C 19 7.55 -9.70 33.18
C LYS C 19 7.20 -8.93 31.86
N ALA C 20 7.90 -7.82 31.58
CA ALA C 20 7.68 -7.06 30.35
C ALA C 20 8.96 -6.95 29.54
N VAL C 21 8.88 -6.87 28.19
CA VAL C 21 10.08 -6.71 27.36
C VAL C 21 9.88 -5.56 26.37
N THR C 22 10.97 -4.94 25.92
CA THR C 22 10.95 -3.85 24.96
C THR C 22 11.79 -4.25 23.73
N LEU C 23 11.18 -4.17 22.54
CA LEU C 23 11.80 -4.48 21.25
C LEU C 23 11.93 -3.20 20.51
N ASN C 24 13.17 -2.80 20.23
CA ASN C 24 13.50 -1.52 19.62
C ASN C 24 13.41 -1.57 18.10
N CYS C 25 13.16 -0.39 17.50
CA CYS C 25 13.02 -0.22 16.08
C CYS C 25 13.33 1.20 15.70
N LEU C 26 14.27 1.35 14.76
CA LEU C 26 14.65 2.65 14.20
C LEU C 26 14.31 2.64 12.74
N TYR C 27 13.84 3.76 12.23
CA TYR C 27 13.48 3.79 10.82
C TYR C 27 13.97 5.08 10.16
N GLU C 28 13.92 5.08 8.83
CA GLU C 28 14.25 6.17 7.91
C GLU C 28 13.15 6.21 6.85
N THR C 29 12.56 7.39 6.59
CA THR C 29 11.50 7.56 5.59
C THR C 29 11.54 8.98 5.04
N SER C 30 11.25 9.15 3.75
CA SER C 30 11.22 10.48 3.14
C SER C 30 9.79 11.07 3.20
N TRP C 31 8.78 10.27 3.64
CA TRP C 31 7.42 10.76 3.77
C TRP C 31 7.26 11.56 5.05
N TRP C 32 6.41 12.59 5.03
CA TRP C 32 6.12 13.43 6.20
C TRP C 32 5.11 12.76 7.14
N SER C 33 4.23 11.94 6.55
CA SER C 33 3.20 11.14 7.21
C SER C 33 3.32 9.68 6.74
N TYR C 34 3.20 8.73 7.67
CA TYR C 34 3.41 7.29 7.42
C TYR C 34 2.83 6.48 8.57
N TYR C 35 2.87 5.16 8.42
CA TYR C 35 2.40 4.23 9.43
C TYR C 35 3.50 3.23 9.72
N ILE C 36 3.61 2.85 10.99
CA ILE C 36 4.54 1.86 11.49
C ILE C 36 3.71 0.71 11.96
N PHE C 37 4.16 -0.53 11.69
CA PHE C 37 3.48 -1.78 12.04
C PHE C 37 4.38 -2.71 12.79
N TRP C 38 3.78 -3.52 13.66
CA TRP C 38 4.48 -4.59 14.34
C TRP C 38 3.76 -5.91 14.06
N TYR C 39 4.54 -6.90 13.67
CA TYR C 39 4.15 -8.28 13.33
C TYR C 39 4.97 -9.32 14.07
N LYS C 40 4.39 -10.50 14.28
CA LYS C 40 5.10 -11.67 14.80
C LYS C 40 4.94 -12.77 13.80
N GLN C 41 6.01 -13.53 13.59
CA GLN C 41 6.00 -14.64 12.68
C GLN C 41 5.98 -15.90 13.48
N LEU C 42 5.01 -16.74 13.18
CA LEU C 42 4.81 -18.00 13.83
C LEU C 42 5.84 -19.02 13.30
N PRO C 43 6.08 -20.14 14.03
CA PRO C 43 6.98 -21.19 13.49
C PRO C 43 6.50 -21.78 12.13
N SER C 44 5.16 -21.68 11.85
CA SER C 44 4.48 -22.06 10.58
C SER C 44 4.84 -21.08 9.42
N LYS C 45 5.40 -19.89 9.79
CA LYS C 45 5.89 -18.76 8.99
C LYS C 45 4.77 -17.75 8.68
N GLU C 46 3.61 -17.94 9.33
CA GLU C 46 2.43 -17.06 9.25
C GLU C 46 2.68 -15.75 10.01
N MET C 47 2.32 -14.62 9.35
CA MET C 47 2.49 -13.25 9.83
C MET C 47 1.25 -12.82 10.61
N ILE C 48 1.43 -12.41 11.87
CA ILE C 48 0.33 -12.03 12.74
C ILE C 48 0.46 -10.57 13.13
N PHE C 49 -0.47 -9.74 12.63
CA PHE C 49 -0.51 -8.33 12.96
C PHE C 49 -0.69 -8.13 14.46
N LEU C 50 0.14 -7.24 15.04
CA LEU C 50 0.05 -6.96 16.45
C LEU C 50 -0.55 -5.59 16.73
N ILE C 51 0.10 -4.55 16.24
CA ILE C 51 -0.26 -3.16 16.54
C ILE C 51 0.25 -2.24 15.45
N ARG C 52 -0.46 -1.11 15.23
CA ARG C 52 -0.12 -0.08 14.24
C ARG C 52 0.07 1.24 14.92
N GLN C 53 0.99 2.05 14.42
CA GLN C 53 1.28 3.37 14.95
C GLN C 53 1.31 4.39 13.81
N GLY C 54 0.42 5.37 13.86
CA GLY C 54 0.40 6.47 12.89
C GLY C 54 1.37 7.55 13.30
N SER C 55 2.08 8.15 12.33
CA SER C 55 3.03 9.23 12.62
C SER C 55 2.36 10.47 13.25
N ASP C 56 1.05 10.69 13.00
CA ASP C 56 0.35 11.84 13.60
C ASP C 56 -0.63 11.42 14.69
N GLU C 57 -0.43 10.21 15.26
CA GLU C 57 -1.26 9.64 16.31
C GLU C 57 -0.55 9.69 17.67
N GLN C 58 -1.38 9.48 18.71
CA GLN C 58 -0.95 9.33 20.10
C GLN C 58 -0.28 7.94 20.20
N ASN C 59 0.49 7.68 21.26
CA ASN C 59 1.15 6.36 21.47
C ASN C 59 0.11 5.27 21.44
N ALA C 60 0.29 4.33 20.52
CA ALA C 60 -0.66 3.22 20.34
C ALA C 60 -0.62 2.25 21.52
N LYS C 61 -1.77 1.64 21.79
CA LYS C 61 -1.95 0.68 22.88
C LYS C 61 -3.04 -0.25 22.46
N SER C 62 -2.76 -1.55 22.43
CA SER C 62 -3.74 -2.57 22.06
C SER C 62 -3.50 -3.78 22.94
N GLY C 63 -4.21 -3.80 24.08
CA GLY C 63 -4.12 -4.84 25.08
C GLY C 63 -2.75 -4.83 25.74
N ARG C 64 -2.03 -5.95 25.58
CA ARG C 64 -0.71 -6.18 26.13
C ARG C 64 0.40 -5.52 25.27
N TYR C 65 0.05 -4.95 24.12
CA TYR C 65 1.00 -4.26 23.26
C TYR C 65 0.91 -2.74 23.41
N SER C 66 2.06 -2.07 23.51
CA SER C 66 2.19 -0.61 23.59
C SER C 66 3.38 -0.14 22.76
N VAL C 67 3.28 1.04 22.18
CA VAL C 67 4.36 1.59 21.37
C VAL C 67 4.82 2.89 21.99
N ASN C 68 6.14 3.09 22.05
CA ASN C 68 6.73 4.32 22.51
C ASN C 68 7.30 4.98 21.27
N PHE C 69 6.44 5.75 20.61
CA PHE C 69 6.73 6.46 19.37
C PHE C 69 7.40 7.80 19.68
N LYS C 70 8.64 7.94 19.18
CA LYS C 70 9.48 9.13 19.33
C LYS C 70 9.79 9.60 17.93
N LYS C 71 8.93 10.48 17.41
CA LYS C 71 8.95 11.03 16.05
C LYS C 71 10.28 11.67 15.64
N ALA C 72 10.82 12.55 16.48
CA ALA C 72 12.05 13.29 16.21
C ALA C 72 13.26 12.35 16.03
N ALA C 73 13.42 11.36 16.95
CA ALA C 73 14.45 10.31 16.96
C ALA C 73 14.19 9.20 15.91
N LYS C 74 12.94 9.16 15.37
CA LYS C 74 12.45 8.16 14.42
C LYS C 74 12.65 6.77 15.03
N SER C 75 12.10 6.57 16.23
CA SER C 75 12.15 5.29 16.92
C SER C 75 10.75 4.80 17.30
N VAL C 76 10.47 3.52 17.03
CA VAL C 76 9.16 2.96 17.33
C VAL C 76 9.25 1.63 18.10
N ALA C 77 9.61 1.71 19.38
CA ALA C 77 9.72 0.53 20.23
C ALA C 77 8.38 -0.12 20.57
N LEU C 78 8.40 -1.44 20.73
CA LEU C 78 7.22 -2.20 21.16
C LEU C 78 7.47 -2.83 22.52
N THR C 79 6.54 -2.60 23.47
CA THR C 79 6.60 -3.21 24.79
C THR C 79 5.49 -4.24 24.86
N ILE C 80 5.83 -5.48 25.25
CA ILE C 80 4.89 -6.58 25.49
C ILE C 80 4.88 -6.77 27.00
N SER C 81 3.73 -6.48 27.65
CA SER C 81 3.58 -6.56 29.10
C SER C 81 2.93 -7.88 29.50
N ALA C 82 3.14 -8.36 30.76
CA ALA C 82 2.62 -9.62 31.31
C ALA C 82 2.89 -10.79 30.34
N LEU C 83 4.18 -10.97 30.00
CA LEU C 83 4.69 -11.97 29.06
C LEU C 83 4.29 -13.42 29.37
N GLN C 84 3.77 -14.10 28.36
CA GLN C 84 3.38 -15.51 28.47
C GLN C 84 4.16 -16.32 27.44
N LEU C 85 4.38 -17.58 27.72
CA LEU C 85 5.19 -18.47 26.88
C LEU C 85 4.82 -18.40 25.37
N GLU C 86 3.52 -18.15 25.06
CA GLU C 86 2.98 -18.07 23.69
C GLU C 86 3.50 -16.83 22.92
N ASP C 87 4.19 -15.87 23.60
CA ASP C 87 4.79 -14.69 22.99
C ASP C 87 6.15 -14.99 22.31
N SER C 88 6.75 -16.16 22.59
CA SER C 88 8.01 -16.56 21.93
C SER C 88 7.74 -16.66 20.44
N ALA C 89 8.42 -15.81 19.65
CA ALA C 89 8.26 -15.68 18.20
C ALA C 89 9.31 -14.74 17.66
N LYS C 90 9.35 -14.55 16.34
CA LYS C 90 10.21 -13.55 15.70
C LYS C 90 9.31 -12.35 15.40
N TYR C 91 9.68 -11.18 15.95
CA TYR C 91 8.90 -9.93 15.85
C TYR C 91 9.53 -9.00 14.82
N PHE C 92 8.70 -8.57 13.87
CA PHE C 92 9.05 -7.71 12.77
C PHE C 92 8.38 -6.37 12.87
N CYS C 93 9.19 -5.36 12.71
CA CYS C 93 8.83 -3.96 12.61
C CYS C 93 8.75 -3.61 11.13
N ALA C 94 7.76 -2.85 10.72
CA ALA C 94 7.58 -2.46 9.32
C ALA C 94 7.05 -1.05 9.17
N LEU C 95 7.47 -0.42 8.11
CA LEU C 95 7.08 0.92 7.72
C LEU C 95 6.36 0.78 6.39
N GLY C 96 5.23 1.44 6.24
CA GLY C 96 4.48 1.34 5.00
C GLY C 96 3.48 2.43 4.70
N VAL C 97 3.35 2.73 3.43
CA VAL C 97 2.32 3.64 2.98
C VAL C 97 1.53 2.87 1.91
N THR C 98 0.21 2.97 2.01
CA THR C 98 -0.81 2.34 1.16
C THR C 98 -0.58 0.82 1.02
N GLY C 99 -0.32 0.15 2.14
CA GLY C 99 -0.12 -1.28 2.14
C GLY C 99 1.24 -1.79 1.70
N LYS C 100 2.11 -0.92 1.10
CA LYS C 100 3.43 -1.39 0.70
C LYS C 100 4.36 -1.32 1.91
N LEU C 101 4.51 -2.46 2.59
CA LEU C 101 5.30 -2.57 3.81
C LEU C 101 6.72 -3.01 3.53
N THR C 102 7.65 -2.37 4.24
CA THR C 102 9.07 -2.70 4.24
C THR C 102 9.42 -3.08 5.70
N PHE C 103 9.96 -4.27 5.87
CA PHE C 103 10.29 -4.92 7.15
C PHE C 103 11.75 -4.79 7.58
N GLY C 104 11.96 -4.78 8.89
CA GLY C 104 13.27 -4.76 9.52
C GLY C 104 13.83 -6.18 9.58
N GLN C 105 14.99 -6.37 10.21
CA GLN C 105 15.65 -7.67 10.27
C GLN C 105 14.86 -8.68 11.12
N GLY C 106 14.17 -8.19 12.15
CA GLY C 106 13.41 -9.06 13.04
C GLY C 106 14.15 -9.40 14.32
N THR C 107 13.40 -9.62 15.40
CA THR C 107 13.94 -9.93 16.72
C THR C 107 13.22 -11.14 17.25
N ILE C 108 14.01 -12.15 17.62
CA ILE C 108 13.51 -13.37 18.21
C ILE C 108 13.38 -13.12 19.70
N LEU C 109 12.16 -13.25 20.23
CA LEU C 109 11.86 -13.16 21.66
C LEU C 109 11.70 -14.58 22.20
N THR C 110 12.44 -14.95 23.28
CA THR C 110 12.27 -16.25 23.92
C THR C 110 11.73 -16.02 25.33
N VAL C 111 10.47 -16.40 25.56
CA VAL C 111 9.89 -16.26 26.88
C VAL C 111 10.21 -17.54 27.65
N HIS C 112 10.84 -17.40 28.83
CA HIS C 112 11.24 -18.52 29.69
C HIS C 112 10.25 -18.77 30.84
N PRO C 113 9.95 -20.07 31.15
CA PRO C 113 9.10 -20.34 32.31
C PRO C 113 9.84 -20.06 33.62
N ASN C 114 9.06 -19.94 34.69
CA ASN C 114 9.56 -19.76 36.04
C ASN C 114 9.53 -21.12 36.74
N ILE C 115 10.68 -21.81 36.81
CA ILE C 115 10.69 -23.12 37.49
C ILE C 115 11.00 -22.85 38.99
N GLN C 116 9.92 -22.86 39.82
CA GLN C 116 9.99 -22.58 41.27
C GLN C 116 10.60 -23.76 42.02
N ASN C 117 10.29 -25.00 41.58
CA ASN C 117 10.81 -26.22 42.21
C ASN C 117 11.58 -27.09 41.22
N PRO C 118 12.80 -26.68 40.77
CA PRO C 118 13.53 -27.53 39.81
C PRO C 118 13.99 -28.84 40.41
N ASP C 119 13.89 -29.91 39.61
CA ASP C 119 14.30 -31.26 39.96
C ASP C 119 15.06 -31.86 38.74
N PRO C 120 16.20 -31.23 38.29
CA PRO C 120 16.90 -31.74 37.08
C PRO C 120 17.23 -33.21 37.15
N ALA C 121 16.89 -33.95 36.09
CA ALA C 121 17.07 -35.38 36.03
C ALA C 121 17.32 -35.85 34.61
N VAL C 122 17.98 -37.01 34.47
CA VAL C 122 18.24 -37.66 33.20
C VAL C 122 17.62 -39.04 33.27
N TYR C 123 16.72 -39.32 32.34
CA TYR C 123 16.00 -40.58 32.30
C TYR C 123 16.24 -41.32 31.03
N GLN C 124 16.32 -42.65 31.13
CA GLN C 124 16.37 -43.58 30.02
C GLN C 124 14.93 -43.96 29.66
N LEU C 125 14.48 -43.61 28.45
CA LEU C 125 13.13 -44.00 28.03
C LEU C 125 13.14 -45.45 27.57
N ARG C 126 11.95 -46.10 27.57
CA ARG C 126 11.84 -47.49 27.10
C ARG C 126 12.07 -47.54 25.60
N ASP C 127 12.91 -48.46 25.15
CA ASP C 127 13.20 -48.68 23.73
C ASP C 127 11.95 -49.06 22.96
N SER C 128 11.95 -48.75 21.68
CA SER C 128 10.90 -49.14 20.77
C SER C 128 11.30 -50.47 20.10
N LYS C 129 10.32 -51.38 19.96
CA LYS C 129 10.53 -52.67 19.29
C LYS C 129 10.95 -52.45 17.84
N SER C 130 10.52 -51.33 17.26
CA SER C 130 10.72 -51.01 15.85
C SER C 130 11.74 -49.87 15.60
N SER C 131 12.65 -49.64 16.56
CA SER C 131 13.72 -48.67 16.37
C SER C 131 15.04 -49.21 16.90
N ASP C 132 16.15 -48.81 16.27
CA ASP C 132 17.52 -49.14 16.71
C ASP C 132 18.00 -48.13 17.74
N LYS C 133 17.30 -46.99 17.82
CA LYS C 133 17.65 -45.86 18.68
C LYS C 133 17.37 -46.11 20.14
N SER C 134 18.22 -45.50 20.96
CA SER C 134 18.05 -45.44 22.41
CA SER C 134 18.11 -45.43 22.42
C SER C 134 17.83 -43.96 22.72
N VAL C 135 16.84 -43.66 23.57
CA VAL C 135 16.47 -42.26 23.86
C VAL C 135 16.64 -41.94 25.37
N CYS C 136 17.15 -40.72 25.65
CA CYS C 136 17.38 -40.12 26.97
C CYS C 136 16.69 -38.78 27.06
N LEU C 137 16.13 -38.51 28.24
CA LEU C 137 15.40 -37.28 28.46
C LEU C 137 16.02 -36.49 29.60
N PHE C 138 16.42 -35.25 29.31
CA PHE C 138 16.92 -34.36 30.33
C PHE C 138 15.74 -33.46 30.66
N THR C 139 15.25 -33.51 31.89
CA THR C 139 14.03 -32.76 32.17
C THR C 139 14.07 -32.11 33.55
N ASP C 140 13.06 -31.22 33.83
CA ASP C 140 12.74 -30.50 35.06
C ASP C 140 13.90 -29.59 35.55
N PHE C 141 14.69 -29.08 34.58
CA PHE C 141 15.79 -28.17 34.87
C PHE C 141 15.36 -26.68 34.74
N ASP C 142 16.17 -25.78 35.37
CA ASP C 142 15.99 -24.34 35.40
C ASP C 142 16.17 -23.75 34.00
N SER C 143 15.34 -22.73 33.66
CA SER C 143 15.32 -22.03 32.36
C SER C 143 16.67 -21.40 31.98
N GLN C 144 17.55 -21.11 32.94
CA GLN C 144 18.88 -20.54 32.74
C GLN C 144 19.85 -21.52 32.07
N THR C 145 19.63 -22.86 32.20
CA THR C 145 20.48 -23.92 31.64
C THR C 145 20.44 -23.94 30.13
N ASN C 146 21.61 -23.86 29.49
CA ASN C 146 21.74 -23.98 28.04
C ASN C 146 22.07 -25.42 27.75
N VAL C 147 21.33 -26.03 26.81
CA VAL C 147 21.60 -27.40 26.41
C VAL C 147 22.59 -27.36 25.24
N SER C 148 23.71 -28.07 25.36
CA SER C 148 24.76 -28.14 24.33
C SER C 148 24.48 -29.19 23.26
N GLN C 149 24.86 -28.89 22.00
CA GLN C 149 24.75 -29.84 20.87
C GLN C 149 25.80 -30.93 21.07
N SER C 150 25.60 -32.12 20.49
CA SER C 150 26.56 -33.21 20.71
C SER C 150 27.92 -32.99 20.00
N LYS C 151 28.97 -33.61 20.57
CA LYS C 151 30.33 -33.64 20.03
C LYS C 151 30.38 -34.69 18.91
N ASP C 152 29.89 -35.94 19.20
CA ASP C 152 29.84 -37.08 18.27
C ASP C 152 28.72 -36.90 17.25
N SER C 153 29.03 -37.11 15.95
CA SER C 153 28.07 -36.93 14.85
C SER C 153 26.98 -38.02 14.80
N ASP C 154 27.11 -39.12 15.58
CA ASP C 154 26.10 -40.19 15.59
C ASP C 154 25.21 -40.12 16.86
N VAL C 155 25.30 -39.00 17.59
CA VAL C 155 24.51 -38.70 18.79
C VAL C 155 23.74 -37.43 18.48
N TYR C 156 22.45 -37.43 18.78
CA TYR C 156 21.60 -36.29 18.47
C TYR C 156 21.02 -35.71 19.74
N ILE C 157 21.17 -34.39 19.90
CA ILE C 157 20.68 -33.64 21.04
C ILE C 157 19.86 -32.47 20.53
N THR C 158 18.62 -32.40 20.98
CA THR C 158 17.68 -31.33 20.64
C THR C 158 17.92 -30.13 21.52
N ASP C 159 17.46 -28.96 21.09
CA ASP C 159 17.58 -27.80 21.98
C ASP C 159 16.48 -27.87 23.07
N LYS C 160 16.59 -27.06 24.15
CA LYS C 160 15.57 -27.08 25.21
C LYS C 160 14.21 -26.65 24.62
N CYS C 161 13.17 -27.25 25.14
CA CYS C 161 11.79 -27.14 24.74
C CYS C 161 10.99 -26.98 26.02
N VAL C 162 9.87 -26.30 25.97
CA VAL C 162 9.03 -26.07 27.16
C VAL C 162 7.63 -26.60 26.92
N LEU C 163 7.11 -27.31 27.87
CA LEU C 163 5.74 -27.81 27.76
C LEU C 163 4.92 -27.30 28.95
N ASP C 164 3.63 -27.10 28.74
CA ASP C 164 2.75 -26.56 29.76
C ASP C 164 1.63 -27.56 29.98
N MET C 165 1.57 -28.14 31.19
CA MET C 165 0.50 -29.05 31.60
C MET C 165 -0.59 -28.17 32.21
N ARG C 166 -1.36 -27.48 31.33
CA ARG C 166 -2.37 -26.44 31.63
C ARG C 166 -3.25 -26.73 32.87
N SER C 167 -3.87 -27.92 32.97
CA SER C 167 -4.75 -28.33 34.07
C SER C 167 -4.08 -28.30 35.46
N MET C 168 -2.75 -28.41 35.50
CA MET C 168 -1.99 -28.48 36.73
C MET C 168 -1.16 -27.23 37.02
N ASP C 169 -1.18 -26.25 36.10
CA ASP C 169 -0.41 -24.98 36.15
C ASP C 169 1.09 -25.34 36.31
N PHE C 170 1.50 -26.39 35.61
CA PHE C 170 2.84 -26.91 35.67
C PHE C 170 3.51 -26.74 34.31
N LYS C 171 4.71 -26.17 34.32
CA LYS C 171 5.55 -25.94 33.17
C LYS C 171 6.88 -26.60 33.41
N SER C 172 7.46 -27.20 32.36
CA SER C 172 8.76 -27.83 32.49
C SER C 172 9.56 -27.80 31.19
N ASN C 173 10.87 -27.73 31.33
CA ASN C 173 11.86 -27.73 30.28
C ASN C 173 12.33 -29.14 30.06
N SER C 174 12.68 -29.47 28.84
CA SER C 174 13.19 -30.78 28.48
C SER C 174 14.06 -30.67 27.23
N ALA C 175 15.01 -31.58 27.11
CA ALA C 175 15.90 -31.78 25.96
C ALA C 175 16.02 -33.30 25.78
N VAL C 176 16.13 -33.75 24.54
CA VAL C 176 16.18 -35.18 24.23
C VAL C 176 17.51 -35.53 23.56
N ALA C 177 18.07 -36.71 23.91
CA ALA C 177 19.29 -37.27 23.33
C ALA C 177 19.01 -38.67 22.80
N TRP C 178 19.51 -38.97 21.60
CA TRP C 178 19.32 -40.30 21.02
C TRP C 178 20.50 -40.71 20.11
N SER C 179 20.67 -42.05 19.97
CA SER C 179 21.73 -42.69 19.22
C SER C 179 21.47 -44.18 19.01
N ASN C 180 22.07 -44.74 17.92
CA ASN C 180 22.16 -46.15 17.48
C ASN C 180 23.29 -46.86 18.22
N LYS C 181 24.35 -46.11 18.60
CA LYS C 181 25.58 -46.54 19.26
C LYS C 181 25.38 -47.33 20.55
N SER C 182 26.21 -48.37 20.76
CA SER C 182 26.20 -49.19 21.98
C SER C 182 26.88 -48.45 23.14
N ASP C 183 27.82 -47.53 22.79
CA ASP C 183 28.61 -46.69 23.72
C ASP C 183 27.71 -45.69 24.44
N PHE C 184 26.58 -45.33 23.80
CA PHE C 184 25.60 -44.38 24.26
C PHE C 184 24.85 -44.85 25.53
N ALA C 185 24.95 -44.03 26.57
CA ALA C 185 24.27 -44.19 27.86
C ALA C 185 23.74 -42.83 28.28
N CYS C 186 22.64 -42.80 29.05
CA CYS C 186 22.02 -41.57 29.53
C CYS C 186 22.93 -40.86 30.52
N ALA C 187 23.75 -41.63 31.24
CA ALA C 187 24.72 -41.15 32.23
C ALA C 187 25.74 -40.19 31.60
N ASN C 188 26.13 -40.41 30.32
CA ASN C 188 27.14 -39.60 29.63
C ASN C 188 26.57 -38.49 28.71
N ALA C 189 25.42 -38.76 28.05
CA ALA C 189 24.69 -37.98 27.01
C ALA C 189 24.67 -36.44 27.16
N PHE C 190 24.26 -35.89 28.33
CA PHE C 190 24.09 -34.44 28.56
C PHE C 190 25.20 -33.79 29.45
N ASN C 191 26.36 -34.45 29.59
CA ASN C 191 27.43 -34.00 30.49
C ASN C 191 28.07 -32.64 30.10
N ASN C 192 27.88 -32.15 28.84
CA ASN C 192 28.35 -30.82 28.42
C ASN C 192 27.38 -29.72 28.86
N SER C 193 26.28 -30.10 29.51
CA SER C 193 25.22 -29.19 29.93
C SER C 193 24.94 -29.25 31.44
N ILE C 194 25.44 -30.29 32.14
CA ILE C 194 25.13 -30.46 33.56
C ILE C 194 26.36 -30.74 34.44
N ILE C 195 26.17 -30.52 35.77
CA ILE C 195 27.10 -30.91 36.84
C ILE C 195 26.45 -32.20 37.38
N PRO C 196 26.98 -33.39 37.03
CA PRO C 196 26.32 -34.67 37.40
C PRO C 196 25.89 -34.80 38.87
N GLU C 197 26.60 -34.16 39.80
CA GLU C 197 26.33 -34.18 41.25
C GLU C 197 25.11 -33.32 41.65
N ASP C 198 24.59 -32.51 40.71
CA ASP C 198 23.45 -31.63 40.91
C ASP C 198 22.20 -32.15 40.19
N THR C 199 22.35 -33.30 39.53
CA THR C 199 21.36 -33.95 38.68
C THR C 199 21.02 -35.33 39.21
N PHE C 200 19.72 -35.68 39.15
CA PHE C 200 19.19 -36.96 39.54
C PHE C 200 19.42 -37.99 38.45
N PHE C 201 20.03 -39.10 38.82
CA PHE C 201 20.28 -40.23 37.94
C PHE C 201 19.74 -41.47 38.64
N PRO C 202 18.66 -42.08 38.12
CA PRO C 202 18.15 -43.28 38.78
C PRO C 202 19.09 -44.47 38.58
N SER C 203 18.99 -45.47 39.50
CA SER C 203 19.76 -46.71 39.49
C SER C 203 19.24 -47.69 38.44
N GLY D 3 -9.88 -13.91 10.74
CA GLY D 3 -9.44 -14.87 9.75
C GLY D 3 -8.77 -14.25 8.54
N ALA D 4 -8.04 -15.09 7.77
CA ALA D 4 -7.33 -14.70 6.55
C ALA D 4 -8.34 -14.46 5.41
N VAL D 5 -8.11 -13.42 4.59
CA VAL D 5 -8.96 -13.07 3.46
C VAL D 5 -8.13 -13.22 2.16
N VAL D 6 -6.86 -13.62 2.26
CA VAL D 6 -5.99 -13.85 1.11
C VAL D 6 -5.50 -15.30 1.21
N SER D 7 -5.70 -16.11 0.18
CA SER D 7 -5.26 -17.50 0.22
C SER D 7 -4.19 -17.76 -0.84
N GLN D 8 -3.10 -18.40 -0.43
CA GLN D 8 -2.02 -18.79 -1.32
C GLN D 8 -2.09 -20.25 -1.62
N HIS D 9 -1.91 -20.61 -2.88
CA HIS D 9 -1.89 -22.03 -3.22
C HIS D 9 -0.73 -22.33 -4.20
N PRO D 10 0.07 -23.37 -3.91
CA PRO D 10 -0.03 -24.28 -2.76
C PRO D 10 0.64 -23.70 -1.52
N SER D 11 0.46 -24.34 -0.35
CA SER D 11 1.11 -23.97 0.92
C SER D 11 2.55 -24.50 0.92
N ARG D 12 2.75 -25.62 0.22
CA ARG D 12 4.02 -26.32 0.15
C ARG D 12 4.22 -26.89 -1.23
N VAL D 13 5.44 -26.84 -1.73
CA VAL D 13 5.73 -27.38 -3.06
C VAL D 13 7.17 -27.87 -3.09
N ILE D 14 7.34 -29.15 -3.53
CA ILE D 14 8.65 -29.78 -3.81
C ILE D 14 8.78 -29.84 -5.33
N SER D 15 9.83 -29.22 -5.87
CA SER D 15 10.03 -29.18 -7.32
CA SER D 15 10.04 -29.20 -7.33
C SER D 15 11.45 -29.61 -7.71
N LYS D 16 11.62 -30.15 -8.95
CA LYS D 16 12.93 -30.54 -9.51
C LYS D 16 13.57 -29.33 -10.15
N SER D 17 14.91 -29.18 -10.03
CA SER D 17 15.63 -28.07 -10.66
C SER D 17 15.33 -27.98 -12.15
N GLY D 18 15.16 -26.75 -12.64
CA GLY D 18 14.89 -26.46 -14.04
C GLY D 18 13.42 -26.40 -14.41
N THR D 19 12.54 -26.74 -13.46
CA THR D 19 11.09 -26.66 -13.70
C THR D 19 10.56 -25.33 -13.18
N SER D 20 9.56 -24.79 -13.89
CA SER D 20 8.90 -23.54 -13.51
CA SER D 20 8.91 -23.54 -13.51
C SER D 20 7.75 -23.85 -12.54
N VAL D 21 7.76 -23.20 -11.35
CA VAL D 21 6.78 -23.33 -10.26
C VAL D 21 5.79 -22.16 -10.30
N LYS D 22 4.48 -22.46 -10.25
CA LYS D 22 3.42 -21.48 -10.19
C LYS D 22 2.79 -21.41 -8.77
N ILE D 23 2.73 -20.20 -8.20
CA ILE D 23 2.12 -19.91 -6.91
C ILE D 23 0.95 -18.98 -7.15
N GLU D 24 -0.19 -19.25 -6.52
CA GLU D 24 -1.39 -18.43 -6.67
C GLU D 24 -1.71 -17.67 -5.41
N CYS D 25 -2.20 -16.46 -5.59
CA CYS D 25 -2.60 -15.59 -4.50
C CYS D 25 -3.99 -15.13 -4.77
N ARG D 26 -4.94 -15.58 -3.96
CA ARG D 26 -6.35 -15.21 -4.17
C ARG D 26 -6.93 -14.30 -3.11
N SER D 27 -7.66 -13.27 -3.54
CA SER D 27 -8.38 -12.41 -2.59
C SER D 27 -9.76 -13.05 -2.37
N LEU D 28 -10.13 -13.29 -1.11
CA LEU D 28 -11.39 -13.97 -0.80
C LEU D 28 -12.46 -12.96 -0.43
N ASP D 29 -13.48 -12.85 -1.30
CA ASP D 29 -14.69 -12.01 -1.18
C ASP D 29 -14.40 -10.48 -1.16
N PHE D 30 -13.35 -10.08 -1.88
CA PHE D 30 -12.97 -8.69 -2.16
C PHE D 30 -12.11 -8.67 -3.40
N GLN D 31 -12.18 -7.57 -4.13
CA GLN D 31 -11.40 -7.37 -5.34
C GLN D 31 -10.13 -6.63 -5.06
N ALA D 32 -9.06 -7.13 -5.61
CA ALA D 32 -7.77 -6.60 -5.37
C ALA D 32 -7.15 -6.20 -6.67
N THR D 33 -6.67 -4.97 -6.71
CA THR D 33 -6.05 -4.41 -7.91
C THR D 33 -4.53 -4.40 -7.77
N THR D 34 -4.05 -4.89 -6.62
CA THR D 34 -2.66 -4.93 -6.35
C THR D 34 -2.44 -6.04 -5.41
N MET D 35 -1.34 -6.73 -5.61
CA MET D 35 -0.83 -7.77 -4.72
C MET D 35 0.68 -7.60 -4.65
N PHE D 36 1.24 -7.65 -3.44
CA PHE D 36 2.67 -7.52 -3.21
C PHE D 36 3.22 -8.90 -2.99
N TRP D 37 4.37 -9.19 -3.56
CA TRP D 37 4.99 -10.49 -3.41
C TRP D 37 6.29 -10.30 -2.66
N TYR D 38 6.47 -11.03 -1.56
CA TYR D 38 7.64 -11.00 -0.70
C TYR D 38 8.33 -12.35 -0.71
N ARG D 39 9.64 -12.35 -0.43
CA ARG D 39 10.45 -13.54 -0.31
C ARG D 39 11.22 -13.48 1.00
N GLN D 40 11.25 -14.60 1.70
CA GLN D 40 11.97 -14.76 2.96
C GLN D 40 12.85 -16.01 2.90
N PHE D 41 14.14 -15.81 3.01
CA PHE D 41 15.12 -16.88 3.10
C PHE D 41 15.13 -17.37 4.53
N PRO D 42 15.50 -18.64 4.80
CA PRO D 42 15.49 -19.13 6.19
C PRO D 42 16.34 -18.24 7.12
N LYS D 43 15.77 -17.92 8.31
CA LYS D 43 16.34 -17.08 9.39
C LYS D 43 16.57 -15.60 8.93
N GLN D 44 15.96 -15.19 7.80
CA GLN D 44 16.04 -13.83 7.25
C GLN D 44 14.69 -13.09 7.38
N SER D 45 14.63 -11.88 6.81
CA SER D 45 13.45 -11.03 6.81
C SER D 45 12.66 -11.14 5.49
N LEU D 46 11.48 -10.49 5.45
CA LEU D 46 10.62 -10.46 4.26
C LEU D 46 11.06 -9.37 3.34
N MET D 47 11.47 -9.75 2.13
CA MET D 47 11.93 -8.77 1.16
C MET D 47 10.92 -8.64 0.08
N LEU D 48 10.51 -7.40 -0.21
CA LEU D 48 9.56 -7.16 -1.28
C LEU D 48 10.22 -7.40 -2.63
N MET D 49 9.66 -8.33 -3.40
CA MET D 49 10.10 -8.76 -4.72
C MET D 49 9.51 -7.98 -5.84
N ALA D 50 8.16 -7.87 -5.87
CA ALA D 50 7.42 -7.23 -6.95
C ALA D 50 5.98 -6.83 -6.56
N THR D 51 5.35 -6.03 -7.42
CA THR D 51 3.98 -5.59 -7.32
C THR D 51 3.24 -6.07 -8.54
N SER D 52 2.12 -6.72 -8.30
CA SER D 52 1.21 -7.25 -9.30
C SER D 52 0.14 -6.22 -9.51
N ASN D 53 -0.06 -5.77 -10.74
CA ASN D 53 -1.04 -4.73 -11.06
C ASN D 53 -2.07 -5.18 -12.07
N GLU D 54 -3.33 -4.74 -11.89
CA GLU D 54 -4.37 -5.05 -12.85
C GLU D 54 -4.17 -4.14 -14.07
N GLY D 55 -4.20 -4.74 -15.26
CA GLY D 55 -4.01 -4.03 -16.53
C GLY D 55 -2.56 -3.87 -16.91
N SER D 56 -1.79 -3.07 -16.13
CA SER D 56 -0.37 -2.83 -16.38
C SER D 56 0.50 -4.04 -15.98
N LYS D 57 1.80 -3.99 -16.34
CA LYS D 57 2.76 -5.05 -16.03
C LYS D 57 3.22 -4.97 -14.57
N ALA D 58 3.94 -6.01 -14.11
CA ALA D 58 4.45 -6.02 -12.76
C ALA D 58 5.64 -5.07 -12.57
N THR D 59 5.74 -4.49 -11.39
CA THR D 59 6.82 -3.62 -10.95
C THR D 59 7.74 -4.52 -10.16
N TYR D 60 9.04 -4.53 -10.48
CA TYR D 60 10.01 -5.32 -9.76
C TYR D 60 10.81 -4.39 -8.91
N GLU D 61 11.24 -4.85 -7.73
CA GLU D 61 12.01 -3.98 -6.86
C GLU D 61 13.48 -3.97 -7.30
N GLN D 62 14.25 -2.96 -6.85
CA GLN D 62 15.66 -2.83 -7.17
C GLN D 62 16.42 -4.10 -6.71
N GLY D 63 17.26 -4.62 -7.60
CA GLY D 63 18.06 -5.82 -7.32
C GLY D 63 17.37 -7.14 -7.58
N VAL D 64 16.10 -7.12 -8.04
CA VAL D 64 15.33 -8.33 -8.35
C VAL D 64 15.53 -8.70 -9.83
N GLU D 65 15.73 -9.99 -10.12
CA GLU D 65 15.86 -10.55 -11.47
C GLU D 65 14.45 -10.67 -12.09
N LYS D 66 14.12 -9.79 -13.07
CA LYS D 66 12.80 -9.69 -13.73
C LYS D 66 12.34 -10.98 -14.45
N ASP D 67 13.25 -11.71 -15.10
CA ASP D 67 12.80 -12.89 -15.83
C ASP D 67 12.75 -14.17 -14.97
N LYS D 68 13.38 -14.16 -13.76
CA LYS D 68 13.30 -15.27 -12.82
C LYS D 68 11.86 -15.47 -12.36
N PHE D 69 11.13 -14.35 -12.12
CA PHE D 69 9.76 -14.36 -11.63
C PHE D 69 8.78 -13.70 -12.58
N LEU D 70 7.84 -14.49 -13.08
CA LEU D 70 6.77 -13.99 -13.93
C LEU D 70 5.50 -13.77 -13.09
N ILE D 71 5.12 -12.51 -12.95
CA ILE D 71 3.90 -12.10 -12.24
C ILE D 71 2.83 -11.86 -13.27
N ASN D 72 1.60 -12.14 -12.92
CA ASN D 72 0.45 -11.91 -13.75
C ASN D 72 -0.79 -11.67 -12.87
N HIS D 73 -1.40 -10.48 -13.01
CA HIS D 73 -2.64 -10.14 -12.35
C HIS D 73 -3.76 -10.64 -13.26
N ALA D 74 -4.04 -11.94 -13.15
CA ALA D 74 -5.00 -12.67 -13.95
C ALA D 74 -6.38 -12.02 -13.96
N SER D 75 -6.86 -11.58 -12.78
CA SER D 75 -8.18 -10.96 -12.61
C SER D 75 -8.18 -9.99 -11.40
N LEU D 76 -9.35 -9.56 -10.92
CA LEU D 76 -9.39 -8.69 -9.75
C LEU D 76 -9.36 -9.54 -8.46
N THR D 77 -9.24 -10.88 -8.56
CA THR D 77 -9.16 -11.74 -7.37
C THR D 77 -8.01 -12.75 -7.47
N LEU D 78 -7.08 -12.61 -8.44
CA LEU D 78 -6.02 -13.61 -8.60
C LEU D 78 -4.70 -13.07 -9.18
N SER D 79 -3.61 -13.28 -8.45
CA SER D 79 -2.27 -12.93 -8.93
C SER D 79 -1.41 -14.20 -8.91
N THR D 80 -0.68 -14.46 -9.99
CA THR D 80 0.19 -15.64 -9.98
C THR D 80 1.67 -15.23 -9.99
N LEU D 81 2.52 -15.99 -9.29
CA LEU D 81 3.95 -15.81 -9.34
C LEU D 81 4.54 -17.08 -9.91
N THR D 82 5.26 -16.97 -11.04
CA THR D 82 5.90 -18.13 -11.62
C THR D 82 7.38 -18.03 -11.38
N VAL D 83 7.96 -19.02 -10.66
CA VAL D 83 9.41 -19.07 -10.46
C VAL D 83 9.92 -19.93 -11.65
N THR D 84 10.26 -19.27 -12.77
CA THR D 84 10.73 -19.88 -14.00
C THR D 84 12.09 -20.55 -13.81
N SER D 85 12.25 -21.81 -14.29
CA SER D 85 13.49 -22.60 -14.17
C SER D 85 14.13 -22.47 -12.76
N ALA D 86 13.47 -23.05 -11.75
CA ALA D 86 13.91 -22.95 -10.37
C ALA D 86 15.11 -23.82 -10.11
N HIS D 87 15.98 -23.37 -9.17
CA HIS D 87 17.19 -24.05 -8.74
C HIS D 87 17.22 -24.08 -7.20
N PRO D 88 17.97 -24.98 -6.50
CA PRO D 88 17.90 -25.00 -5.03
C PRO D 88 18.13 -23.64 -4.36
N GLU D 89 18.77 -22.69 -5.04
CA GLU D 89 19.05 -21.34 -4.53
C GLU D 89 17.75 -20.53 -4.43
N ASP D 90 16.71 -20.94 -5.15
CA ASP D 90 15.40 -20.31 -5.17
C ASP D 90 14.46 -20.91 -4.12
N SER D 91 14.94 -21.93 -3.37
CA SER D 91 14.18 -22.53 -2.27
C SER D 91 14.03 -21.47 -1.21
N SER D 92 12.78 -21.07 -0.98
CA SER D 92 12.47 -19.97 -0.08
C SER D 92 11.02 -20.00 0.36
N PHE D 93 10.63 -18.93 1.00
CA PHE D 93 9.26 -18.78 1.43
C PHE D 93 8.74 -17.52 0.76
N TYR D 94 7.65 -17.67 -0.01
CA TYR D 94 7.01 -16.61 -0.79
C TYR D 94 5.67 -16.28 -0.17
N ILE D 95 5.49 -15.03 0.18
CA ILE D 95 4.25 -14.62 0.76
C ILE D 95 3.73 -13.37 0.03
N CYS D 96 2.44 -13.39 -0.30
CA CYS D 96 1.77 -12.28 -0.95
C CYS D 96 0.89 -11.55 0.09
N SER D 97 0.53 -10.33 -0.27
CA SER D 97 -0.34 -9.51 0.53
C SER D 97 -1.16 -8.67 -0.41
N ALA D 98 -2.29 -8.19 0.08
CA ALA D 98 -3.16 -7.30 -0.65
C ALA D 98 -3.42 -6.10 0.22
N PRO D 99 -3.25 -4.83 -0.27
CA PRO D 99 -3.54 -3.67 0.58
C PRO D 99 -4.99 -3.62 1.04
N GLY D 100 -5.19 -3.36 2.33
CA GLY D 100 -6.52 -3.32 2.89
C GLY D 100 -6.52 -3.50 4.38
N GLY D 101 -7.70 -3.42 4.98
CA GLY D 101 -7.84 -3.54 6.42
C GLY D 101 -7.21 -2.35 7.09
N VAL D 102 -6.16 -2.59 7.87
CA VAL D 102 -5.42 -1.54 8.60
C VAL D 102 -4.08 -1.23 7.91
N GLY D 103 -3.78 -1.92 6.82
CA GLY D 103 -2.55 -1.79 6.06
C GLY D 103 -2.55 -2.75 4.90
N ALA D 104 -2.24 -4.02 5.14
CA ALA D 104 -2.28 -5.07 4.09
C ALA D 104 -2.77 -6.35 4.69
N PHE D 105 -3.38 -7.21 3.86
CA PHE D 105 -3.79 -8.57 4.24
C PHE D 105 -2.79 -9.54 3.68
N PHE D 106 -2.17 -10.35 4.53
CA PHE D 106 -1.16 -11.33 4.12
C PHE D 106 -1.81 -12.68 3.85
N GLY D 107 -1.24 -13.41 2.90
CA GLY D 107 -1.61 -14.81 2.62
C GLY D 107 -0.82 -15.67 3.59
N GLN D 108 -1.07 -16.99 3.63
CA GLN D 108 -0.32 -17.84 4.60
C GLN D 108 1.11 -18.22 4.11
N GLY D 109 1.44 -17.89 2.88
CA GLY D 109 2.77 -18.18 2.36
C GLY D 109 2.90 -19.52 1.68
N THR D 110 4.00 -19.67 0.91
CA THR D 110 4.32 -20.89 0.18
C THR D 110 5.72 -21.31 0.52
N ARG D 111 5.85 -22.46 1.14
CA ARG D 111 7.13 -23.07 1.48
C ARG D 111 7.58 -23.87 0.27
N LEU D 112 8.53 -23.30 -0.49
CA LEU D 112 9.03 -23.88 -1.74
C LEU D 112 10.41 -24.52 -1.52
N THR D 113 10.51 -25.83 -1.84
CA THR D 113 11.77 -26.56 -1.79
C THR D 113 12.07 -27.11 -3.18
N VAL D 114 13.23 -26.73 -3.73
CA VAL D 114 13.67 -27.19 -5.02
C VAL D 114 14.82 -28.16 -4.77
N VAL D 115 14.64 -29.42 -5.23
CA VAL D 115 15.61 -30.52 -5.10
C VAL D 115 16.18 -30.84 -6.49
N GLU D 116 17.50 -31.03 -6.59
CA GLU D 116 18.17 -31.35 -7.87
C GLU D 116 17.66 -32.71 -8.42
N ASP D 117 17.33 -33.65 -7.52
CA ASP D 117 16.80 -34.97 -7.86
C ASP D 117 15.66 -35.35 -6.91
N LEU D 118 14.53 -35.85 -7.46
CA LEU D 118 13.40 -36.32 -6.64
C LEU D 118 13.74 -37.60 -5.84
N LYS D 119 14.89 -38.25 -6.11
CA LYS D 119 15.35 -39.46 -5.40
C LYS D 119 15.70 -39.13 -3.96
N ASN D 120 15.98 -37.85 -3.67
CA ASN D 120 16.38 -37.37 -2.35
C ASN D 120 15.18 -37.18 -1.39
N VAL D 121 13.93 -37.33 -1.89
CA VAL D 121 12.70 -37.18 -1.13
C VAL D 121 12.37 -38.51 -0.43
N PHE D 122 12.38 -38.50 0.90
CA PHE D 122 12.11 -39.67 1.73
C PHE D 122 11.04 -39.37 2.78
N PRO D 123 10.13 -40.32 3.05
CA PRO D 123 9.13 -40.07 4.09
C PRO D 123 9.73 -40.34 5.47
N PRO D 124 9.18 -39.81 6.58
CA PRO D 124 9.78 -40.13 7.90
C PRO D 124 9.49 -41.52 8.41
N GLU D 125 10.39 -42.00 9.26
CA GLU D 125 10.25 -43.19 10.07
C GLU D 125 9.83 -42.68 11.47
N VAL D 126 8.71 -43.19 12.03
CA VAL D 126 8.19 -42.69 13.31
C VAL D 126 8.22 -43.80 14.38
N ALA D 127 8.75 -43.45 15.55
CA ALA D 127 8.91 -44.30 16.74
C ALA D 127 8.51 -43.54 17.99
N VAL D 128 7.91 -44.24 18.94
CA VAL D 128 7.44 -43.70 20.23
C VAL D 128 8.16 -44.48 21.29
N PHE D 129 8.73 -43.74 22.25
CA PHE D 129 9.50 -44.31 23.36
C PHE D 129 8.71 -44.00 24.60
N GLU D 130 8.29 -45.04 25.24
CA GLU D 130 7.44 -45.02 26.42
C GLU D 130 8.16 -44.44 27.66
N PRO D 131 7.37 -43.91 28.64
CA PRO D 131 7.99 -43.31 29.83
C PRO D 131 8.87 -44.25 30.65
N SER D 132 9.81 -43.62 31.33
CA SER D 132 10.72 -44.22 32.30
C SER D 132 9.92 -44.40 33.60
N GLU D 133 10.01 -45.61 34.21
CA GLU D 133 9.35 -45.91 35.49
C GLU D 133 9.97 -45.09 36.61
N ALA D 134 11.27 -44.81 36.47
CA ALA D 134 12.08 -43.97 37.36
C ALA D 134 11.54 -42.54 37.41
N GLU D 135 11.12 -41.99 36.26
CA GLU D 135 10.52 -40.65 36.16
C GLU D 135 9.14 -40.67 36.83
N ILE D 136 8.33 -41.72 36.56
CA ILE D 136 7.02 -41.88 37.17
C ILE D 136 7.18 -41.87 38.71
N SER D 137 8.10 -42.69 39.26
CA SER D 137 8.31 -42.75 40.71
CA SER D 137 8.38 -42.78 40.69
C SER D 137 8.79 -41.41 41.28
N HIS D 138 9.77 -40.77 40.64
CA HIS D 138 10.34 -39.50 41.08
C HIS D 138 9.41 -38.30 40.99
N THR D 139 8.68 -38.15 39.86
CA THR D 139 7.88 -36.96 39.56
C THR D 139 6.37 -37.17 39.52
N GLN D 140 5.88 -38.43 39.47
CA GLN D 140 4.42 -38.74 39.33
C GLN D 140 3.84 -38.23 37.98
N LYS D 141 4.72 -38.09 36.99
CA LYS D 141 4.44 -37.64 35.63
C LYS D 141 5.10 -38.60 34.67
N ALA D 142 4.48 -38.79 33.53
CA ALA D 142 5.00 -39.71 32.50
C ALA D 142 5.22 -38.92 31.21
N THR D 143 6.48 -38.90 30.72
CA THR D 143 6.85 -38.24 29.45
C THR D 143 7.04 -39.27 28.34
N LEU D 144 6.26 -39.11 27.28
CA LEU D 144 6.39 -39.91 26.06
C LEU D 144 7.26 -39.13 25.08
N VAL D 145 8.15 -39.83 24.35
CA VAL D 145 8.96 -39.17 23.33
C VAL D 145 8.64 -39.82 22.01
N CYS D 146 8.46 -38.98 20.98
CA CYS D 146 8.26 -39.37 19.60
C CYS D 146 9.38 -38.83 18.72
N LEU D 147 9.98 -39.72 17.91
CA LEU D 147 11.03 -39.39 16.95
C LEU D 147 10.61 -39.68 15.52
N ALA D 148 10.60 -38.63 14.71
CA ALA D 148 10.37 -38.63 13.26
C ALA D 148 11.77 -38.52 12.62
N THR D 149 12.26 -39.60 11.95
CA THR D 149 13.62 -39.59 11.39
C THR D 149 13.73 -39.97 9.91
N GLY D 150 14.87 -39.56 9.31
CA GLY D 150 15.29 -39.82 7.94
C GLY D 150 14.40 -39.24 6.86
N PHE D 151 13.74 -38.12 7.11
CA PHE D 151 12.88 -37.52 6.10
C PHE D 151 13.57 -36.35 5.38
N TYR D 152 13.13 -36.09 4.14
CA TYR D 152 13.61 -34.98 3.32
C TYR D 152 12.54 -34.63 2.26
N PRO D 153 12.13 -33.37 2.18
CA PRO D 153 12.65 -32.26 2.97
C PRO D 153 11.96 -32.17 4.34
N ASP D 154 12.06 -31.00 4.95
CA ASP D 154 11.67 -30.79 6.34
C ASP D 154 10.18 -30.49 6.52
N HIS D 155 9.42 -30.79 5.48
CA HIS D 155 8.02 -30.47 5.34
C HIS D 155 7.18 -31.45 6.13
N VAL D 156 7.24 -31.35 7.43
CA VAL D 156 6.48 -32.26 8.32
C VAL D 156 5.67 -31.50 9.41
N GLU D 157 4.51 -32.05 9.76
CA GLU D 157 3.65 -31.60 10.86
C GLU D 157 3.44 -32.77 11.84
N LEU D 158 4.05 -32.69 13.03
CA LEU D 158 3.92 -33.70 14.09
C LEU D 158 2.75 -33.36 15.05
N SER D 159 1.95 -34.36 15.45
CA SER D 159 0.86 -34.10 16.39
C SER D 159 0.61 -35.32 17.30
N TRP D 160 0.01 -35.09 18.49
CA TRP D 160 -0.30 -36.18 19.42
C TRP D 160 -1.77 -36.38 19.51
N TRP D 161 -2.15 -37.63 19.55
CA TRP D 161 -3.55 -38.04 19.62
C TRP D 161 -3.70 -38.99 20.80
N VAL D 162 -4.52 -38.59 21.78
CA VAL D 162 -4.83 -39.39 22.94
C VAL D 162 -6.31 -39.79 22.87
N ASN D 163 -6.54 -41.11 22.76
CA ASN D 163 -7.86 -41.75 22.64
C ASN D 163 -8.68 -41.15 21.45
N GLY D 164 -7.98 -40.96 20.33
CA GLY D 164 -8.54 -40.46 19.09
C GLY D 164 -8.69 -38.97 18.94
N LYS D 165 -8.23 -38.20 19.92
CA LYS D 165 -8.35 -36.74 19.79
C LYS D 165 -6.98 -36.06 19.91
N GLU D 166 -6.75 -35.02 19.09
CA GLU D 166 -5.51 -34.27 19.15
C GLU D 166 -5.45 -33.54 20.48
N VAL D 167 -4.27 -33.56 21.13
CA VAL D 167 -4.00 -32.91 22.42
C VAL D 167 -2.95 -31.84 22.22
N HIS D 168 -3.05 -30.76 23.00
CA HIS D 168 -2.13 -29.63 22.95
C HIS D 168 -1.45 -29.36 24.30
N SER D 169 -2.12 -29.74 25.41
CA SER D 169 -1.61 -29.56 26.76
C SER D 169 -0.53 -30.62 27.02
N GLY D 170 0.60 -30.20 27.56
CA GLY D 170 1.71 -31.08 27.91
C GLY D 170 2.53 -31.60 26.76
N VAL D 171 2.49 -30.89 25.62
CA VAL D 171 3.21 -31.23 24.38
C VAL D 171 4.31 -30.20 24.08
N CYS D 172 5.46 -30.64 23.62
CA CYS D 172 6.51 -29.78 23.11
C CYS D 172 7.14 -30.45 21.90
N THR D 173 7.14 -29.75 20.78
CA THR D 173 7.80 -30.23 19.57
C THR D 173 8.93 -29.29 19.23
N ASP D 174 10.07 -29.84 18.82
CA ASP D 174 11.21 -29.04 18.36
C ASP D 174 10.76 -28.05 17.28
N PRO D 175 11.14 -26.75 17.39
CA PRO D 175 10.74 -25.79 16.34
C PRO D 175 11.43 -26.07 15.00
N GLN D 176 12.68 -26.54 15.06
CA GLN D 176 13.50 -26.84 13.90
C GLN D 176 14.00 -28.28 13.89
N PRO D 177 13.99 -28.94 12.72
CA PRO D 177 14.49 -30.32 12.65
C PRO D 177 16.02 -30.41 12.59
N LEU D 178 16.63 -31.38 13.29
CA LEU D 178 18.07 -31.66 13.24
C LEU D 178 18.45 -32.29 11.91
N LYS D 179 19.70 -32.09 11.46
CA LYS D 179 20.22 -32.73 10.25
C LYS D 179 20.95 -33.98 10.70
N GLU D 180 20.63 -35.12 10.07
CA GLU D 180 21.22 -36.43 10.40
C GLU D 180 22.73 -36.47 10.04
N GLN D 181 23.10 -35.78 8.94
CA GLN D 181 24.47 -35.59 8.45
C GLN D 181 24.66 -34.08 8.28
N PRO D 182 25.14 -33.34 9.31
CA PRO D 182 25.23 -31.87 9.20
C PRO D 182 26.14 -31.39 8.06
N ALA D 183 27.13 -32.22 7.67
CA ALA D 183 28.08 -31.94 6.59
C ALA D 183 27.39 -31.99 5.22
N LEU D 184 26.86 -33.18 4.85
CA LEU D 184 26.19 -33.53 3.59
C LEU D 184 25.07 -32.52 3.22
N ASN D 185 24.95 -32.23 1.90
CA ASN D 185 24.00 -31.26 1.34
C ASN D 185 22.54 -31.82 1.31
N ASP D 186 22.34 -33.00 0.69
CA ASP D 186 21.03 -33.65 0.65
C ASP D 186 20.91 -34.51 1.92
N SER D 187 20.91 -33.83 3.09
CA SER D 187 20.87 -34.44 4.42
C SER D 187 19.46 -34.64 4.92
N ARG D 188 19.20 -35.83 5.46
CA ARG D 188 17.92 -36.22 6.03
C ARG D 188 17.69 -35.51 7.36
N TYR D 189 16.43 -35.23 7.67
CA TYR D 189 16.09 -34.56 8.91
C TYR D 189 15.51 -35.52 9.95
N ALA D 190 15.60 -35.10 11.22
CA ALA D 190 15.08 -35.77 12.41
C ALA D 190 14.32 -34.74 13.28
N LEU D 191 13.24 -35.16 13.93
CA LEU D 191 12.41 -34.23 14.72
C LEU D 191 11.86 -34.96 15.96
N SER D 192 11.84 -34.28 17.09
CA SER D 192 11.36 -34.89 18.30
C SER D 192 10.22 -34.11 18.91
N SER D 193 9.42 -34.82 19.67
CA SER D 193 8.28 -34.30 20.38
C SER D 193 8.11 -35.05 21.67
N ARG D 194 7.56 -34.34 22.67
CA ARG D 194 7.28 -34.90 23.98
C ARG D 194 5.83 -34.62 24.33
N LEU D 195 5.22 -35.61 24.96
CA LEU D 195 3.88 -35.56 25.52
C LEU D 195 4.03 -35.95 26.99
N ARG D 196 3.62 -35.05 27.90
CA ARG D 196 3.73 -35.31 29.32
C ARG D 196 2.35 -35.34 29.92
N VAL D 197 2.09 -36.45 30.59
CA VAL D 197 0.80 -36.73 31.22
C VAL D 197 1.04 -37.06 32.69
N SER D 198 -0.03 -37.09 33.49
CA SER D 198 0.09 -37.51 34.87
C SER D 198 0.39 -39.01 34.90
N ALA D 199 1.14 -39.46 35.88
CA ALA D 199 1.42 -40.89 36.03
C ALA D 199 0.16 -41.74 36.10
N THR D 200 -0.95 -41.23 36.69
CA THR D 200 -2.19 -42.04 36.85
C THR D 200 -2.90 -42.21 35.52
N PHE D 201 -2.81 -41.18 34.62
CA PHE D 201 -3.36 -41.21 33.28
C PHE D 201 -2.61 -42.26 32.44
N TRP D 202 -1.26 -42.27 32.56
CA TRP D 202 -0.43 -43.25 31.84
C TRP D 202 -0.66 -44.68 32.38
N GLN D 203 -0.95 -44.82 33.67
CA GLN D 203 -1.12 -46.12 34.30
C GLN D 203 -2.43 -46.82 33.93
N ASN D 204 -3.35 -46.11 33.25
CA ASN D 204 -4.60 -46.69 32.78
C ASN D 204 -4.36 -47.38 31.42
N PRO D 205 -4.29 -48.76 31.39
CA PRO D 205 -4.01 -49.45 30.10
C PRO D 205 -5.09 -49.28 29.02
N ARG D 206 -6.23 -48.66 29.35
CA ARG D 206 -7.24 -48.42 28.33
C ARG D 206 -6.95 -47.10 27.59
N ASN D 207 -5.89 -46.37 28.02
CA ASN D 207 -5.48 -45.11 27.40
C ASN D 207 -4.50 -45.38 26.25
N HIS D 208 -4.85 -44.81 25.09
CA HIS D 208 -4.18 -44.95 23.82
C HIS D 208 -3.45 -43.65 23.46
N PHE D 209 -2.21 -43.80 23.02
CA PHE D 209 -1.36 -42.67 22.65
C PHE D 209 -0.80 -42.87 21.24
N ARG D 210 -0.95 -41.85 20.40
CA ARG D 210 -0.44 -41.92 19.04
C ARG D 210 0.23 -40.62 18.64
N CYS D 211 1.45 -40.78 18.13
CA CYS D 211 2.24 -39.74 17.53
C CYS D 211 2.05 -39.86 16.03
N GLN D 212 1.51 -38.82 15.43
CA GLN D 212 1.25 -38.77 14.00
C GLN D 212 2.16 -37.73 13.33
N VAL D 213 2.78 -38.12 12.23
CA VAL D 213 3.63 -37.22 11.46
C VAL D 213 3.02 -37.08 10.03
N GLN D 214 2.51 -35.87 9.73
CA GLN D 214 2.01 -35.52 8.41
C GLN D 214 3.21 -35.12 7.54
N PHE D 215 3.52 -35.93 6.52
CA PHE D 215 4.61 -35.63 5.61
C PHE D 215 4.04 -35.05 4.34
N TYR D 216 4.66 -33.96 3.86
CA TYR D 216 4.28 -33.30 2.62
C TYR D 216 5.34 -33.64 1.60
N GLY D 217 4.96 -34.47 0.64
CA GLY D 217 5.89 -34.99 -0.37
C GLY D 217 5.46 -34.80 -1.80
N LEU D 218 5.77 -35.79 -2.65
CA LEU D 218 5.46 -35.75 -4.08
C LEU D 218 3.98 -35.83 -4.34
N SER D 219 3.55 -35.19 -5.44
CA SER D 219 2.17 -35.19 -5.94
C SER D 219 1.93 -36.38 -6.87
N GLU D 220 0.69 -36.55 -7.39
CA GLU D 220 0.34 -37.64 -8.31
C GLU D 220 1.05 -37.43 -9.66
N ASN D 221 1.11 -36.17 -10.14
CA ASN D 221 1.73 -35.71 -11.40
C ASN D 221 3.23 -36.04 -11.53
N ASP D 222 3.97 -36.11 -10.39
CA ASP D 222 5.42 -36.33 -10.33
C ASP D 222 5.87 -37.67 -10.91
N GLU D 223 7.09 -37.69 -11.46
CA GLU D 223 7.73 -38.86 -12.08
C GLU D 223 8.50 -39.68 -11.02
N TRP D 224 8.18 -40.99 -10.90
CA TRP D 224 8.88 -41.90 -9.98
C TRP D 224 9.35 -43.15 -10.72
N THR D 225 10.65 -43.48 -10.58
CA THR D 225 11.29 -44.60 -11.28
C THR D 225 11.99 -45.62 -10.34
N GLN D 226 12.20 -45.25 -9.07
CA GLN D 226 12.88 -46.12 -8.11
C GLN D 226 11.98 -47.29 -7.66
N ASP D 227 12.61 -48.33 -7.10
CA ASP D 227 11.97 -49.56 -6.63
C ASP D 227 11.07 -49.31 -5.41
N ARG D 228 11.52 -48.46 -4.44
CA ARG D 228 10.76 -48.13 -3.24
C ARG D 228 9.51 -47.32 -3.57
N ALA D 229 8.54 -47.29 -2.63
CA ALA D 229 7.28 -46.56 -2.79
C ALA D 229 7.53 -45.06 -3.02
N LYS D 230 6.70 -44.46 -3.89
CA LYS D 230 6.74 -43.05 -4.26
C LYS D 230 6.52 -42.19 -2.98
N PRO D 231 7.51 -41.34 -2.59
CA PRO D 231 7.37 -40.52 -1.36
C PRO D 231 6.34 -39.41 -1.50
N VAL D 232 5.09 -39.83 -1.41
CA VAL D 232 3.92 -38.97 -1.53
C VAL D 232 3.52 -38.40 -0.15
N THR D 233 2.67 -37.36 -0.16
CA THR D 233 2.08 -36.75 1.02
C THR D 233 1.37 -37.89 1.76
N GLN D 234 1.80 -38.13 2.99
CA GLN D 234 1.27 -39.22 3.79
C GLN D 234 1.45 -38.97 5.26
N ILE D 235 0.72 -39.73 6.03
CA ILE D 235 0.72 -39.75 7.48
C ILE D 235 1.45 -40.98 7.95
N VAL D 236 2.48 -40.81 8.80
CA VAL D 236 3.22 -41.92 9.42
C VAL D 236 2.97 -41.82 10.95
N SER D 237 2.46 -42.89 11.56
CA SER D 237 2.14 -42.95 12.99
C SER D 237 2.91 -44.01 13.73
N ALA D 238 3.00 -43.84 15.06
CA ALA D 238 3.53 -44.81 16.04
C ALA D 238 2.64 -44.70 17.26
N GLU D 239 2.42 -45.81 17.93
CA GLU D 239 1.48 -45.86 19.03
C GLU D 239 2.00 -46.52 20.28
N ALA D 240 1.25 -46.25 21.37
CA ALA D 240 1.49 -46.85 22.67
C ALA D 240 0.21 -46.85 23.50
N TRP D 241 0.10 -47.87 24.39
CA TRP D 241 -0.98 -47.99 25.35
C TRP D 241 -0.46 -47.67 26.72
N GLY D 242 -1.34 -47.17 27.62
CA GLY D 242 -1.00 -46.95 29.01
C GLY D 242 -0.54 -48.27 29.65
N ARG D 243 0.20 -48.21 30.75
CA ARG D 243 0.75 -49.41 31.38
C ARG D 243 0.50 -49.42 32.87
N ALA D 244 -0.23 -50.42 33.36
CA ALA D 244 -0.51 -50.64 34.78
C ALA D 244 0.73 -51.18 35.50
C1 NAG E . -22.68 3.97 -24.67
C2 NAG E . -23.39 3.21 -25.79
C3 NAG E . -22.57 3.28 -27.09
C4 NAG E . -22.19 4.74 -27.43
C5 NAG E . -21.46 5.35 -26.21
C6 NAG E . -20.96 6.78 -26.40
C7 NAG E . -24.87 1.32 -25.27
C8 NAG E . -24.89 -0.14 -24.93
N2 NAG E . -23.63 1.83 -25.43
O3 NAG E . -23.26 2.66 -28.18
O4 NAG E . -21.43 4.82 -28.64
O5 NAG E . -22.32 5.30 -25.07
O6 NAG E . -22.00 7.75 -26.58
O7 NAG E . -25.92 1.98 -25.39
C1 NAG E . -21.91 5.65 -29.68
C2 NAG E . -20.72 6.01 -30.58
C3 NAG E . -21.02 6.22 -32.08
C4 NAG E . -22.49 6.10 -32.55
C5 NAG E . -23.53 5.81 -31.46
C6 NAG E . -24.72 5.04 -32.02
C7 NAG E . -18.83 7.01 -29.33
C8 NAG E . -18.23 8.32 -28.89
N2 NAG E . -19.98 7.13 -30.02
O3 NAG E . -20.20 5.33 -32.86
O4 NAG E . -22.91 7.24 -33.33
O5 NAG E . -22.95 5.01 -30.42
O6 NAG E . -25.90 5.47 -31.35
O7 NAG E . -18.30 5.94 -29.06
C1 BMA E . -22.89 7.12 -34.75
C2 BMA E . -24.03 7.96 -35.33
C3 BMA E . -24.00 7.91 -36.87
C4 BMA E . -22.59 8.10 -37.48
C5 BMA E . -21.48 7.34 -36.71
C6 BMA E . -20.10 7.81 -37.13
O2 BMA E . -23.94 9.31 -34.85
O3 BMA E . -24.88 8.89 -37.42
O4 BMA E . -22.62 7.65 -38.85
O5 BMA E . -21.62 7.54 -35.29
O6 BMA E . -19.10 7.06 -36.43
C1 FUC E . -21.51 8.93 -27.15
C2 FUC E . -22.63 9.62 -27.96
C3 FUC E . -23.46 10.61 -27.12
C4 FUC E . -22.62 11.49 -26.17
C5 FUC E . -21.65 10.63 -25.34
C6 FUC E . -20.78 11.43 -24.38
O2 FUC E . -23.44 8.68 -28.70
O3 FUC E . -24.26 11.43 -27.98
O4 FUC E . -21.91 12.48 -26.93
O5 FUC E . -20.83 9.78 -26.19
C1 NAG F . -10.83 5.54 -20.75
C2 NAG F . -11.47 5.02 -22.05
C3 NAG F . -11.94 3.58 -21.87
C4 NAG F . -10.85 2.65 -21.30
C5 NAG F . -10.22 3.24 -20.02
C6 NAG F . -8.89 2.56 -19.73
C7 NAG F . -12.81 6.55 -23.42
C8 NAG F . -14.10 6.27 -24.09
N2 NAG F . -12.62 5.83 -22.32
O3 NAG F . -12.47 3.05 -23.11
O4 NAG F . -11.38 1.31 -21.14
O5 NAG F . -9.90 4.64 -20.13
O6 NAG F . -8.85 2.32 -18.33
O7 NAG F . -12.04 7.41 -23.83
C1 NAG F . -10.65 0.19 -21.67
C2 NAG F . -11.36 -1.10 -21.18
C3 NAG F . -11.35 -2.33 -22.13
C4 NAG F . -10.85 -2.10 -23.57
C5 NAG F . -9.87 -0.93 -23.66
C6 NAG F . -9.33 -0.68 -25.08
C7 NAG F . -11.25 -0.89 -18.73
C8 NAG F . -10.43 -1.24 -17.51
N2 NAG F . -10.85 -1.46 -19.86
O3 NAG F . -12.65 -2.93 -22.19
O4 NAG F . -10.30 -3.34 -24.07
O5 NAG F . -10.48 0.25 -23.11
O6 NAG F . -8.15 -1.47 -25.31
O7 NAG F . -12.22 -0.16 -18.64
C1 NAG G . -2.91 16.97 10.36
C2 NAG G . -3.22 16.25 11.66
C3 NAG G . -2.84 17.07 12.91
C4 NAG G . -1.49 17.78 12.74
C5 NAG G . -1.30 18.44 11.35
C6 NAG G . 0.09 19.03 11.09
C7 NAG G . -4.99 14.62 11.87
C8 NAG G . -6.26 14.44 12.64
N2 NAG G . -4.63 15.89 11.69
O3 NAG G . -2.81 16.20 14.05
O4 NAG G . -1.24 18.68 13.84
O5 NAG G . -1.57 17.45 10.35
O6 NAG G . 1.10 18.00 11.08
O7 NAG G . -4.32 13.67 11.45
C1 NAG G . -0.11 18.43 14.64
C2 NAG G . 0.30 19.73 15.33
C3 NAG G . 1.46 19.46 16.31
C4 NAG G . 1.29 18.17 17.15
C5 NAG G . 0.81 16.98 16.32
C6 NAG G . 0.44 15.76 17.16
C7 NAG G . -0.07 21.73 13.89
C8 NAG G . 0.54 22.57 12.81
N2 NAG G . 0.70 20.72 14.35
O3 NAG G . 1.66 20.59 17.17
O4 NAG G . 2.53 17.88 17.81
O5 NAG G . -0.34 17.36 15.57
O6 NAG G . 1.00 14.57 16.59
O7 NAG G . -1.20 21.97 14.30
C1 FUC G . 2.37 18.43 10.66
C2 FUC G . 3.44 17.52 11.32
C3 FUC G . 3.96 16.35 10.47
C4 FUC G . 3.92 16.55 8.94
C5 FUC G . 2.57 17.19 8.57
C6 FUC G . 2.31 17.28 7.07
O2 FUC G . 2.98 17.01 12.60
O3 FUC G . 5.29 16.01 10.88
O4 FUC G . 5.00 17.39 8.53
O5 FUC G . 2.48 18.48 9.22
CAA JLS H . -8.70 4.01 -3.15
CAB JLS H . -7.85 4.67 -2.08
CAC JLS H . -8.18 6.17 -2.01
CAD JLS H . -7.26 6.99 -2.92
CAE JLS H . -7.59 8.46 -2.84
CAF JLS H . -7.07 9.15 -4.09
CAG JLS H . -7.59 10.58 -4.11
CAH JLS H . -7.18 11.32 -5.39
CAI JLS H . -8.27 12.32 -5.76
CAJ JLS H . -7.72 13.68 -6.15
CAK JLS H . -8.55 14.39 -7.24
CAL JLS H . -8.20 13.82 -8.61
CAM JLS H . -7.42 14.75 -9.53
CAN JLS H . -5.99 14.29 -9.65
CAO JLS H . -5.45 14.53 -11.05
CAP JLS H . -4.24 15.04 -11.34
CAQ JLS H . -3.20 15.47 -10.32
CAR JLS H . -1.80 15.06 -10.75
CAS JLS H . -0.76 15.01 -9.61
CAT JLS H . -1.06 14.08 -8.43
CAU JLS H . -1.23 12.61 -8.82
CAV JLS H . -1.65 11.76 -7.62
CAW JLS H . -3.15 11.73 -7.40
CAX JLS H . -3.52 11.56 -5.94
OAA JLS H . -8.32 4.01 -4.31
C1 JLS H . -10.20 1.25 -3.81
C1A JLS H . -10.30 -0.78 -2.46
O1A JLS H . -10.24 0.66 -2.52
C2 JLS H . -10.67 2.71 -3.72
C2A JLS H . -10.74 -1.24 -1.05
N2 JLS H . -9.82 3.40 -2.75
O2A JLS H . -12.06 -0.79 -0.79
C3 JLS H . -12.16 2.99 -3.45
C3A JLS H . -9.76 -0.72 0.04
O3 JLS H . -12.91 1.92 -4.04
O3A JLS H . -10.13 -1.04 1.40
C4 JLS H . -12.70 4.23 -4.16
C4A JLS H . -8.36 -1.22 -0.24
O4 JLS H . -11.75 5.09 -4.81
O4A JLS H . -8.31 -2.65 -0.05
C5 JLS H . -13.63 5.11 -3.34
C5M JLS H . -7.99 -0.80 -1.67
O6A JLS H . -6.38 -0.76 -3.46
C6 JLS H . -13.86 6.43 -4.11
C6A JLS H . -6.58 -1.17 -2.11
O5A JLS H . -8.96 -1.24 -2.64
C7 JLS H . -13.26 7.60 -3.36
C8 JLS H . -13.92 8.90 -3.77
C9 JLS H . -15.30 9.04 -3.13
C10 JLS H . -16.21 10.00 -3.88
C11 JLS H . -17.55 9.33 -4.02
C12 JLS H . -18.19 9.59 -5.37
C13 JLS H . -19.28 8.56 -5.63
C14 JLS H . -20.69 9.15 -5.47
C15 JLS H . -21.76 8.18 -5.98
C16 JLS H . -21.83 8.08 -7.51
C17 JLS H . -23.26 8.24 -7.97
C18 JLS H . -23.42 7.84 -9.41
#